data_7FIS
#
_entry.id   7FIS
#
_cell.length_a   204.959
_cell.length_b   204.959
_cell.length_c   78.482
_cell.angle_alpha   90.000
_cell.angle_beta   90.000
_cell.angle_gamma   90.000
#
_symmetry.space_group_name_H-M   'I 4'
#
loop_
_entity.id
_entity.type
_entity.pdbx_description
1 polymer 'Beta-1,2-mannobiose phosphorylase'
2 non-polymer 1-O-phosphono-alpha-D-mannopyranose
3 non-polymer 'TETRAETHYLENE GLYCOL'
4 non-polymer 'ZINC ION'
5 non-polymer 'PENTAETHYLENE GLYCOL'
6 non-polymer GLYCEROL
7 water water
#
_entity_poly.entity_id   1
_entity_poly.type   'polypeptide(L)'
_entity_poly.pdbx_seq_one_letter_code
;GAGAGAGAGAGMFRLTRLSNKPILSPIKEHEWEKEAVFNAAVIYEGNKFHLFYRASNNKFVLNTEKPEEKYKFVSSIGYA
VSEDGINFERFDKPVLVGEIPQEAWGVEDPRITKIDNKYYMLYTGFGGRDWLDFRICMVWSDDLKNWKGHRIVLDEPNKD
AALLSEKINGKYVLFHRRMPDIWIAYSDDLVNWYNHKIIMSPKSHTWESKKIGIAGPPIKREDGWLLIYHGVDNNNVYRL
GVALLDLKDPSKVIARQKEPILEPELDWEINGLVPNVVFSCGAVEVNDMYYVYYGAADTHIGVAVIEKEKVKF
;
_entity_poly.pdbx_strand_id   C,B,A,D
#
loop_
_chem_comp.id
_chem_comp.type
_chem_comp.name
_chem_comp.formula
1PE non-polymer 'PENTAETHYLENE GLYCOL' 'C10 H22 O6'
GOL non-polymer GLYCEROL 'C3 H8 O3'
M1P D-saccharide 1-O-phosphono-alpha-D-mannopyranose 'C6 H13 O9 P'
PG4 non-polymer 'TETRAETHYLENE GLYCOL' 'C8 H18 O5'
ZN non-polymer 'ZINC ION' 'Zn 2'
#
# COMPACT_ATOMS: atom_id res chain seq x y z
N MET A 12 -22.20 12.10 12.11
CA MET A 12 -21.61 10.79 12.29
C MET A 12 -22.32 10.01 13.40
N PHE A 13 -22.62 8.73 13.15
CA PHE A 13 -23.44 7.97 14.08
C PHE A 13 -22.72 6.69 14.49
N ARG A 14 -23.25 6.06 15.53
CA ARG A 14 -22.59 4.99 16.24
C ARG A 14 -23.63 3.97 16.67
N LEU A 15 -23.21 2.70 16.70
CA LEU A 15 -24.02 1.66 17.29
C LEU A 15 -23.93 1.73 18.81
N THR A 16 -25.03 1.36 19.46
CA THR A 16 -25.12 1.28 20.92
C THR A 16 -25.31 -0.17 21.31
N ARG A 17 -24.46 -0.68 22.19
CA ARG A 17 -24.59 -2.06 22.64
C ARG A 17 -25.85 -2.22 23.49
N LEU A 18 -26.59 -3.31 23.27
CA LEU A 18 -27.74 -3.61 24.10
C LEU A 18 -27.38 -4.21 25.44
N SER A 19 -26.11 -4.59 25.64
CA SER A 19 -25.68 -5.29 26.84
C SER A 19 -24.18 -5.06 26.99
N ASN A 20 -23.71 -4.91 28.22
CA ASN A 20 -22.28 -4.85 28.42
C ASN A 20 -21.69 -6.23 28.64
N LYS A 21 -22.48 -7.27 28.41
CA LYS A 21 -22.07 -8.67 28.49
C LYS A 21 -22.49 -9.38 27.21
N PRO A 22 -21.77 -10.44 26.83
CA PRO A 22 -22.14 -11.16 25.61
C PRO A 22 -23.58 -11.65 25.71
N ILE A 23 -24.25 -11.77 24.56
CA ILE A 23 -25.55 -12.43 24.56
C ILE A 23 -25.43 -13.91 24.25
N LEU A 24 -24.34 -14.34 23.61
CA LEU A 24 -24.02 -15.76 23.47
C LEU A 24 -22.54 -15.97 23.79
N SER A 25 -22.27 -17.05 24.48
CA SER A 25 -20.93 -17.34 24.93
C SER A 25 -20.68 -18.81 24.67
N PRO A 26 -19.42 -19.24 24.67
CA PRO A 26 -19.15 -20.65 24.40
C PRO A 26 -19.83 -21.55 25.44
N ILE A 27 -20.10 -22.78 25.05
CA ILE A 27 -20.72 -23.78 25.91
C ILE A 27 -19.75 -24.95 26.02
N LYS A 28 -19.14 -25.09 27.20
CA LYS A 28 -18.03 -26.01 27.35
C LYS A 28 -18.43 -27.45 27.09
N GLU A 29 -19.67 -27.82 27.42
CA GLU A 29 -20.08 -29.20 27.25
C GLU A 29 -20.47 -29.55 25.81
N HIS A 30 -20.43 -28.59 24.88
CA HIS A 30 -20.60 -28.88 23.45
C HIS A 30 -19.24 -28.69 22.77
N GLU A 31 -18.65 -29.79 22.31
CA GLU A 31 -17.33 -29.71 21.70
C GLU A 31 -17.31 -28.72 20.52
N TRP A 32 -18.32 -28.77 19.65
CA TRP A 32 -18.29 -27.91 18.47
C TRP A 32 -18.34 -26.42 18.81
N GLU A 33 -18.69 -26.05 20.04
CA GLU A 33 -18.70 -24.63 20.37
C GLU A 33 -18.07 -24.39 21.74
N LYS A 34 -17.10 -25.23 22.12
CA LYS A 34 -16.61 -25.15 23.49
C LYS A 34 -15.69 -23.95 23.71
N GLU A 35 -15.18 -23.33 22.65
CA GLU A 35 -14.23 -22.24 22.85
C GLU A 35 -14.67 -20.89 22.29
N ALA A 36 -15.50 -20.86 21.25
CA ALA A 36 -15.85 -19.57 20.66
C ALA A 36 -17.20 -19.67 20.00
N VAL A 37 -17.97 -18.62 20.14
CA VAL A 37 -19.12 -18.38 19.28
C VAL A 37 -19.02 -16.94 18.81
N PHE A 38 -19.11 -16.72 17.51
CA PHE A 38 -18.89 -15.36 17.01
C PHE A 38 -19.45 -15.25 15.60
N ASN A 39 -19.14 -14.13 14.94
CA ASN A 39 -19.41 -13.83 13.53
C ASN A 39 -20.64 -14.53 12.99
N ALA A 40 -21.80 -14.01 13.37
CA ALA A 40 -23.07 -14.69 13.13
C ALA A 40 -23.84 -13.99 12.00
N ALA A 41 -24.38 -14.81 11.11
CA ALA A 41 -25.44 -14.36 10.22
C ALA A 41 -26.76 -14.22 10.98
N VAL A 42 -27.64 -13.36 10.49
CA VAL A 42 -28.95 -13.23 11.12
C VAL A 42 -29.99 -12.89 10.07
N ILE A 43 -31.19 -13.41 10.29
CA ILE A 43 -32.33 -13.15 9.43
C ILE A 43 -33.55 -13.05 10.33
N TYR A 44 -34.37 -12.04 10.07
CA TYR A 44 -35.58 -11.83 10.85
C TYR A 44 -36.79 -12.30 10.03
N GLU A 45 -37.42 -13.38 10.47
CA GLU A 45 -38.58 -13.98 9.80
C GLU A 45 -39.51 -14.58 10.84
N GLY A 46 -40.80 -14.65 10.50
CA GLY A 46 -41.75 -15.17 11.46
C GLY A 46 -41.75 -14.40 12.76
N ASN A 47 -41.39 -13.11 12.71
CA ASN A 47 -41.22 -12.27 13.88
C ASN A 47 -40.20 -12.84 14.85
N LYS A 48 -39.16 -13.47 14.34
CA LYS A 48 -38.12 -14.03 15.19
C LYS A 48 -36.75 -13.72 14.61
N PHE A 49 -35.77 -13.51 15.49
CA PHE A 49 -34.37 -13.39 15.11
C PHE A 49 -33.80 -14.79 14.98
N HIS A 50 -33.38 -15.16 13.78
CA HIS A 50 -32.73 -16.44 13.53
C HIS A 50 -31.25 -16.15 13.37
N LEU A 51 -30.46 -16.69 14.29
CA LEU A 51 -29.03 -16.44 14.36
C LEU A 51 -28.27 -17.69 13.94
N PHE A 52 -27.35 -17.55 12.99
CA PHE A 52 -26.51 -18.64 12.53
C PHE A 52 -25.08 -18.21 12.84
N TYR A 53 -24.55 -18.73 13.93
CA TYR A 53 -23.29 -18.24 14.47
C TYR A 53 -22.15 -19.19 14.19
N ARG A 54 -20.98 -18.61 13.97
CA ARG A 54 -19.78 -19.42 13.86
C ARG A 54 -19.38 -19.92 15.25
N ALA A 55 -18.90 -21.15 15.31
CA ALA A 55 -18.46 -21.72 16.56
C ALA A 55 -17.21 -22.54 16.34
N SER A 56 -16.31 -22.49 17.31
CA SER A 56 -15.03 -23.19 17.23
C SER A 56 -14.89 -24.14 18.40
N ASN A 57 -14.32 -25.31 18.14
CA ASN A 57 -13.99 -26.27 19.15
C ASN A 57 -12.64 -26.01 19.81
N ASN A 58 -11.94 -24.95 19.43
CA ASN A 58 -10.57 -24.77 19.92
C ASN A 58 -10.20 -23.30 19.81
N LYS A 59 -9.18 -22.92 20.59
CA LYS A 59 -8.58 -21.60 20.39
C LYS A 59 -7.91 -21.55 19.02
N PHE A 60 -7.40 -20.38 18.66
CA PHE A 60 -6.93 -20.08 17.31
C PHE A 60 -5.43 -19.80 17.33
N VAL A 61 -4.60 -20.80 17.01
CA VAL A 61 -3.18 -20.56 16.75
C VAL A 61 -3.05 -20.16 15.29
N LEU A 62 -2.69 -18.92 15.05
CA LEU A 62 -2.73 -18.38 13.71
C LEU A 62 -1.37 -18.02 13.17
N ASN A 63 -0.33 -18.14 13.98
CA ASN A 63 0.98 -17.60 13.65
C ASN A 63 1.99 -18.70 13.31
N THR A 64 1.53 -19.85 12.86
CA THR A 64 2.43 -20.89 12.38
C THR A 64 2.59 -20.75 10.87
N GLU A 65 3.65 -21.33 10.34
CA GLU A 65 3.90 -21.22 8.89
C GLU A 65 2.76 -21.83 8.10
N LYS A 66 2.20 -22.92 8.59
CA LYS A 66 1.06 -23.59 7.97
C LYS A 66 0.10 -23.98 9.09
N PRO A 67 -1.15 -24.25 8.74
CA PRO A 67 -2.08 -24.75 9.77
C PRO A 67 -1.60 -26.10 10.28
N GLU A 68 -1.39 -26.18 11.59
CA GLU A 68 -0.80 -27.37 12.19
C GLU A 68 -1.88 -28.23 12.83
N GLU A 69 -1.84 -29.53 12.54
CA GLU A 69 -2.77 -30.49 13.12
C GLU A 69 -2.87 -30.34 14.64
N LYS A 70 -1.73 -30.22 15.31
CA LYS A 70 -1.77 -30.12 16.77
C LYS A 70 -2.45 -28.85 17.27
N TYR A 71 -2.73 -27.89 16.37
CA TYR A 71 -3.47 -26.69 16.74
C TYR A 71 -4.77 -26.57 15.96
N LYS A 72 -5.25 -27.67 15.38
CA LYS A 72 -6.43 -27.60 14.56
C LYS A 72 -7.60 -26.98 15.31
N PHE A 73 -8.29 -26.05 14.67
CA PHE A 73 -9.61 -25.62 15.10
C PHE A 73 -10.58 -25.97 14.00
N VAL A 74 -11.83 -26.26 14.38
CA VAL A 74 -12.90 -26.56 13.45
C VAL A 74 -14.04 -25.58 13.70
N SER A 75 -14.49 -24.92 12.66
CA SER A 75 -15.59 -23.98 12.77
C SER A 75 -16.87 -24.70 12.37
N SER A 76 -17.92 -24.48 13.12
CA SER A 76 -19.25 -24.97 12.79
C SER A 76 -20.20 -23.79 12.79
N ILE A 77 -21.38 -23.99 12.20
CA ILE A 77 -22.46 -23.00 12.27
C ILE A 77 -23.53 -23.54 13.19
N GLY A 78 -23.73 -22.86 14.32
CA GLY A 78 -24.83 -23.17 15.20
C GLY A 78 -26.05 -22.30 14.91
N TYR A 79 -27.19 -22.73 15.44
CA TYR A 79 -28.46 -22.05 15.25
C TYR A 79 -28.96 -21.54 16.59
N ALA A 80 -29.50 -20.33 16.60
CA ALA A 80 -30.15 -19.83 17.81
C ALA A 80 -31.31 -18.95 17.38
N VAL A 81 -32.36 -18.92 18.21
CA VAL A 81 -33.56 -18.18 17.87
C VAL A 81 -33.98 -17.33 19.05
N SER A 82 -34.50 -16.14 18.75
CA SER A 82 -34.89 -15.19 19.79
C SER A 82 -36.16 -14.46 19.35
N GLU A 83 -37.03 -14.19 20.33
CA GLU A 83 -38.13 -13.27 20.13
C GLU A 83 -37.67 -11.82 20.20
N ASP A 84 -36.81 -11.49 21.15
CA ASP A 84 -36.53 -10.11 21.48
C ASP A 84 -35.20 -9.60 20.92
N GLY A 85 -34.42 -10.45 20.26
CA GLY A 85 -33.12 -10.03 19.75
C GLY A 85 -31.99 -10.17 20.74
N ILE A 86 -32.28 -10.50 22.00
CA ILE A 86 -31.28 -10.54 23.06
C ILE A 86 -31.19 -11.92 23.69
N ASN A 87 -32.33 -12.52 24.00
CA ASN A 87 -32.38 -13.80 24.71
C ASN A 87 -32.67 -14.92 23.71
N PHE A 88 -31.72 -15.82 23.56
CA PHE A 88 -31.79 -16.80 22.48
C PHE A 88 -31.97 -18.20 23.03
N GLU A 89 -32.73 -19.00 22.32
CA GLU A 89 -32.71 -20.43 22.54
C GLU A 89 -31.66 -21.05 21.65
N ARG A 90 -30.85 -21.94 22.22
CA ARG A 90 -29.76 -22.61 21.51
C ARG A 90 -30.01 -24.11 21.47
N PHE A 91 -29.16 -24.82 20.75
CA PHE A 91 -29.44 -26.21 20.44
C PHE A 91 -28.20 -27.07 20.62
N ASP A 92 -28.42 -28.39 20.58
CA ASP A 92 -27.40 -29.35 20.94
C ASP A 92 -26.35 -29.50 19.84
N LYS A 93 -26.77 -29.42 18.59
CA LYS A 93 -25.91 -29.75 17.45
C LYS A 93 -25.86 -28.57 16.48
N PRO A 94 -24.73 -28.38 15.81
CA PRO A 94 -24.65 -27.33 14.78
C PRO A 94 -25.57 -27.66 13.60
N VAL A 95 -25.92 -26.64 12.84
CA VAL A 95 -26.77 -26.84 11.66
C VAL A 95 -25.97 -26.89 10.38
N LEU A 96 -24.70 -26.49 10.41
CA LEU A 96 -23.87 -26.65 9.24
C LEU A 96 -22.48 -27.00 9.72
N VAL A 97 -21.88 -28.02 9.09
CA VAL A 97 -20.50 -28.42 9.34
C VAL A 97 -19.82 -28.59 7.98
N GLY A 98 -18.49 -28.72 8.04
CA GLY A 98 -17.73 -28.90 6.81
C GLY A 98 -17.77 -30.35 6.32
N GLU A 99 -17.90 -30.49 5.00
CA GLU A 99 -17.70 -31.77 4.31
C GLU A 99 -16.22 -31.89 3.93
N ILE A 100 -15.52 -32.83 4.56
CA ILE A 100 -14.07 -32.97 4.42
C ILE A 100 -13.74 -33.36 2.97
N PRO A 101 -12.62 -32.89 2.38
CA PRO A 101 -11.47 -32.12 2.89
C PRO A 101 -11.42 -30.62 2.60
N GLN A 102 -12.18 -30.14 1.63
CA GLN A 102 -12.08 -28.72 1.32
C GLN A 102 -12.54 -27.83 2.47
N GLU A 103 -13.37 -28.35 3.35
CA GLU A 103 -13.83 -27.63 4.52
C GLU A 103 -13.39 -28.36 5.79
N ALA A 104 -12.19 -28.95 5.74
CA ALA A 104 -11.78 -29.82 6.83
C ALA A 104 -11.66 -29.05 8.13
N TRP A 105 -11.26 -27.79 8.07
CA TRP A 105 -11.24 -27.00 9.29
C TRP A 105 -12.53 -26.20 9.48
N GLY A 106 -13.56 -26.49 8.70
CA GLY A 106 -14.89 -26.04 9.00
C GLY A 106 -15.39 -24.93 8.11
N VAL A 107 -16.44 -24.26 8.60
CA VAL A 107 -17.23 -23.32 7.83
C VAL A 107 -17.34 -22.04 8.66
N GLU A 108 -17.01 -20.90 8.05
CA GLU A 108 -16.81 -19.68 8.83
C GLU A 108 -17.66 -18.54 8.32
N ASP A 109 -17.96 -17.63 9.25
CA ASP A 109 -18.48 -16.29 8.94
C ASP A 109 -19.64 -16.32 7.95
N PRO A 110 -20.76 -16.96 8.29
CA PRO A 110 -21.88 -17.02 7.34
C PRO A 110 -22.53 -15.66 7.18
N ARG A 111 -22.93 -15.36 5.96
CA ARG A 111 -23.83 -14.26 5.65
C ARG A 111 -25.04 -14.86 4.97
N ILE A 112 -26.22 -14.57 5.46
CA ILE A 112 -27.42 -15.18 4.90
C ILE A 112 -28.18 -14.11 4.17
N THR A 113 -28.60 -14.43 2.96
CA THR A 113 -29.45 -13.53 2.21
C THR A 113 -30.66 -14.31 1.73
N LYS A 114 -31.83 -13.69 1.86
CA LYS A 114 -33.05 -14.19 1.26
C LYS A 114 -33.25 -13.51 -0.10
N ILE A 115 -33.32 -14.31 -1.15
CA ILE A 115 -33.67 -13.81 -2.47
C ILE A 115 -34.88 -14.59 -2.93
N ASP A 116 -35.96 -13.88 -3.26
CA ASP A 116 -37.25 -14.51 -3.59
C ASP A 116 -37.67 -15.34 -2.39
N ASN A 117 -37.83 -16.65 -2.52
CA ASN A 117 -38.24 -17.46 -1.39
C ASN A 117 -37.20 -18.50 -1.07
N LYS A 118 -35.94 -18.19 -1.36
CA LYS A 118 -34.83 -19.08 -1.03
C LYS A 118 -33.83 -18.34 -0.15
N TYR A 119 -33.21 -19.10 0.74
CA TYR A 119 -32.24 -18.55 1.68
C TYR A 119 -30.86 -19.05 1.27
N TYR A 120 -29.94 -18.12 1.08
CA TYR A 120 -28.59 -18.43 0.65
C TYR A 120 -27.64 -18.11 1.79
N MET A 121 -26.85 -19.09 2.18
CA MET A 121 -25.81 -18.92 3.18
C MET A 121 -24.46 -18.96 2.47
N LEU A 122 -23.75 -17.85 2.53
CA LEU A 122 -22.41 -17.75 2.00
C LEU A 122 -21.44 -17.80 3.17
N TYR A 123 -20.44 -18.65 3.07
CA TYR A 123 -19.52 -18.80 4.19
C TYR A 123 -18.12 -19.09 3.66
N THR A 124 -17.15 -19.06 4.55
CA THR A 124 -15.78 -19.37 4.18
C THR A 124 -15.50 -20.82 4.54
N GLY A 125 -15.31 -21.64 3.52
CA GLY A 125 -14.84 -23.00 3.74
C GLY A 125 -13.34 -23.00 3.92
N PHE A 126 -12.87 -23.56 5.03
CA PHE A 126 -11.45 -23.58 5.35
C PHE A 126 -10.97 -25.02 5.42
N GLY A 127 -10.04 -25.38 4.52
CA GLY A 127 -9.53 -26.74 4.45
C GLY A 127 -8.30 -27.04 5.28
N GLY A 128 -7.64 -26.02 5.83
CA GLY A 128 -6.50 -26.24 6.69
C GLY A 128 -5.24 -26.75 6.02
N ARG A 129 -5.22 -26.86 4.69
CA ARG A 129 -4.03 -27.43 4.06
C ARG A 129 -2.93 -26.40 3.92
N ASP A 130 -3.26 -25.13 3.94
CA ASP A 130 -2.31 -24.03 4.01
C ASP A 130 -3.14 -22.81 4.36
N TRP A 131 -2.47 -21.71 4.70
CA TRP A 131 -3.24 -20.55 5.13
C TRP A 131 -3.98 -19.87 3.99
N LEU A 132 -3.81 -20.30 2.75
CA LEU A 132 -4.63 -19.79 1.65
C LEU A 132 -5.76 -20.75 1.32
N ASP A 133 -5.93 -21.81 2.09
CA ASP A 133 -6.82 -22.88 1.72
C ASP A 133 -8.25 -22.54 2.11
N PHE A 134 -8.71 -21.35 1.75
CA PHE A 134 -10.08 -20.98 2.06
C PHE A 134 -10.77 -20.48 0.81
N ARG A 135 -12.10 -20.62 0.79
CA ARG A 135 -12.84 -20.13 -0.35
C ARG A 135 -14.27 -19.77 0.06
N ILE A 136 -14.90 -18.93 -0.76
CA ILE A 136 -16.31 -18.62 -0.58
C ILE A 136 -17.13 -19.81 -1.04
N CYS A 137 -17.94 -20.33 -0.13
CA CYS A 137 -18.88 -21.40 -0.44
C CYS A 137 -20.31 -20.93 -0.17
N MET A 138 -21.25 -21.64 -0.77
CA MET A 138 -22.65 -21.31 -0.69
C MET A 138 -23.47 -22.57 -0.52
N VAL A 139 -24.44 -22.52 0.39
CA VAL A 139 -25.53 -23.48 0.41
C VAL A 139 -26.83 -22.71 0.39
N TRP A 140 -27.91 -23.41 0.08
CA TRP A 140 -29.20 -22.76 0.10
C TRP A 140 -30.25 -23.71 0.68
N SER A 141 -31.36 -23.10 1.06
CA SER A 141 -32.52 -23.81 1.56
C SER A 141 -33.75 -23.00 1.19
N ASP A 142 -34.92 -23.63 1.26
CA ASP A 142 -36.14 -22.86 1.16
C ASP A 142 -36.81 -22.71 2.50
N ASP A 143 -36.16 -23.16 3.56
CA ASP A 143 -36.79 -23.22 4.87
C ASP A 143 -35.84 -22.92 6.02
N LEU A 144 -34.63 -22.43 5.76
CA LEU A 144 -33.61 -22.21 6.78
C LEU A 144 -33.23 -23.47 7.55
N LYS A 145 -33.61 -24.65 7.06
CA LYS A 145 -33.37 -25.88 7.79
C LYS A 145 -32.64 -26.92 6.97
N ASN A 146 -33.02 -27.11 5.71
CA ASN A 146 -32.47 -28.18 4.88
C ASN A 146 -31.53 -27.55 3.84
N TRP A 147 -30.26 -27.41 4.22
CA TRP A 147 -29.31 -26.69 3.38
C TRP A 147 -28.74 -27.61 2.32
N LYS A 148 -28.77 -27.18 1.06
CA LYS A 148 -28.35 -28.04 -0.04
C LYS A 148 -27.54 -27.21 -1.03
N GLY A 149 -27.32 -27.80 -2.20
CA GLY A 149 -26.82 -27.06 -3.35
C GLY A 149 -25.44 -26.50 -3.19
N HIS A 150 -24.58 -27.20 -2.42
CA HIS A 150 -23.27 -26.68 -2.07
C HIS A 150 -22.44 -26.38 -3.32
N ARG A 151 -21.67 -25.28 -3.25
CA ARG A 151 -20.80 -24.97 -4.36
C ARG A 151 -19.72 -24.01 -3.88
N ILE A 152 -18.61 -24.03 -4.60
CA ILE A 152 -17.56 -23.04 -4.43
C ILE A 152 -17.91 -21.85 -5.30
N VAL A 153 -18.13 -20.70 -4.67
CA VAL A 153 -18.67 -19.56 -5.40
C VAL A 153 -17.61 -18.99 -6.33
N LEU A 154 -16.42 -18.72 -5.79
CA LEU A 154 -15.26 -18.32 -6.59
C LEU A 154 -14.12 -19.28 -6.24
N ASP A 155 -13.55 -19.92 -7.25
CA ASP A 155 -12.50 -20.90 -6.98
C ASP A 155 -11.16 -20.17 -6.92
N GLU A 156 -10.98 -19.51 -5.79
CA GLU A 156 -9.82 -18.66 -5.49
C GLU A 156 -9.84 -18.38 -4.00
N PRO A 157 -8.70 -18.01 -3.42
CA PRO A 157 -8.70 -17.60 -2.01
C PRO A 157 -9.40 -16.26 -1.86
N ASN A 158 -10.52 -16.26 -1.14
CA ASN A 158 -11.46 -15.16 -1.06
C ASN A 158 -12.44 -15.44 0.07
N LYS A 159 -13.12 -14.40 0.51
CA LYS A 159 -13.97 -14.51 1.68
C LYS A 159 -14.78 -13.23 1.82
N ASP A 160 -15.35 -12.97 3.01
CA ASP A 160 -16.13 -11.76 3.24
C ASP A 160 -17.15 -11.57 2.12
N ALA A 161 -17.94 -12.61 1.88
CA ALA A 161 -18.83 -12.68 0.74
C ALA A 161 -20.27 -12.59 1.21
N ALA A 162 -21.10 -11.92 0.42
CA ALA A 162 -22.53 -11.84 0.72
C ALA A 162 -23.27 -11.62 -0.58
N LEU A 163 -24.50 -12.14 -0.64
CA LEU A 163 -25.40 -11.88 -1.77
C LEU A 163 -26.31 -10.71 -1.43
N LEU A 164 -26.54 -9.84 -2.42
CA LEU A 164 -27.58 -8.82 -2.33
C LEU A 164 -28.95 -9.48 -2.31
N SER A 165 -29.89 -8.89 -1.56
CA SER A 165 -31.20 -9.53 -1.40
C SER A 165 -32.11 -9.36 -2.59
N GLU A 166 -31.68 -8.67 -3.64
CA GLU A 166 -32.46 -8.57 -4.86
C GLU A 166 -31.51 -8.70 -6.04
N LYS A 167 -32.07 -9.05 -7.19
CA LYS A 167 -31.31 -8.98 -8.42
C LYS A 167 -31.24 -7.55 -8.91
N ILE A 168 -30.17 -7.24 -9.64
CA ILE A 168 -29.99 -5.96 -10.31
C ILE A 168 -30.02 -6.26 -11.80
N ASN A 169 -31.00 -5.67 -12.51
CA ASN A 169 -31.22 -5.92 -13.93
C ASN A 169 -31.16 -7.40 -14.28
N GLY A 170 -31.82 -8.23 -13.44
CA GLY A 170 -31.87 -9.65 -13.65
C GLY A 170 -30.73 -10.44 -13.06
N LYS A 171 -29.68 -9.77 -12.57
CA LYS A 171 -28.46 -10.46 -12.18
C LYS A 171 -28.35 -10.57 -10.67
N TYR A 172 -27.95 -11.74 -10.20
CA TYR A 172 -27.50 -11.87 -8.82
C TYR A 172 -26.24 -11.06 -8.61
N VAL A 173 -26.11 -10.50 -7.40
CA VAL A 173 -25.09 -9.54 -7.04
C VAL A 173 -24.30 -10.09 -5.86
N LEU A 174 -23.01 -10.31 -6.07
CA LEU A 174 -22.11 -10.88 -5.07
C LEU A 174 -21.14 -9.81 -4.61
N PHE A 175 -21.02 -9.65 -3.29
CA PHE A 175 -19.93 -8.88 -2.71
C PHE A 175 -18.86 -9.85 -2.27
N HIS A 176 -17.60 -9.52 -2.52
CA HIS A 176 -16.52 -10.41 -2.12
C HIS A 176 -15.28 -9.56 -1.86
N ARG A 177 -14.14 -10.22 -1.65
CA ARG A 177 -13.02 -9.48 -1.08
C ARG A 177 -11.70 -10.08 -1.56
N ARG A 178 -11.39 -9.86 -2.83
CA ARG A 178 -9.99 -9.97 -3.25
C ARG A 178 -9.19 -8.95 -2.47
N MET A 179 -8.24 -9.44 -1.69
CA MET A 179 -7.46 -8.60 -0.79
C MET A 179 -6.97 -7.37 -1.55
N PRO A 180 -7.08 -6.16 -0.98
CA PRO A 180 -7.72 -5.85 0.30
C PRO A 180 -9.01 -5.04 0.19
N ASP A 181 -9.71 -5.13 -0.95
CA ASP A 181 -10.86 -4.27 -1.22
C ASP A 181 -12.15 -5.06 -1.19
N ILE A 182 -13.25 -4.32 -1.02
CA ILE A 182 -14.56 -4.92 -1.19
C ILE A 182 -14.83 -4.92 -2.68
N TRP A 183 -15.10 -6.09 -3.22
CA TRP A 183 -15.41 -6.26 -4.63
C TRP A 183 -16.88 -6.55 -4.78
N ILE A 184 -17.35 -6.40 -6.02
CA ILE A 184 -18.69 -6.79 -6.41
C ILE A 184 -18.58 -7.62 -7.67
N ALA A 185 -19.59 -8.43 -7.93
CA ALA A 185 -19.66 -9.19 -9.17
C ALA A 185 -21.11 -9.62 -9.39
N TYR A 186 -21.35 -10.20 -10.56
CA TYR A 186 -22.70 -10.46 -11.03
C TYR A 186 -22.80 -11.85 -11.64
N SER A 187 -24.01 -12.38 -11.66
CA SER A 187 -24.20 -13.71 -12.21
C SER A 187 -25.64 -13.87 -12.68
N ASP A 188 -25.79 -14.65 -13.74
CA ASP A 188 -27.09 -15.05 -14.25
C ASP A 188 -27.59 -16.34 -13.63
N ASP A 189 -26.73 -17.14 -13.04
CA ASP A 189 -27.11 -18.48 -12.63
C ASP A 189 -26.65 -18.87 -11.24
N LEU A 190 -26.03 -17.96 -10.48
CA LEU A 190 -25.50 -18.26 -9.14
C LEU A 190 -24.36 -19.26 -9.18
N VAL A 191 -23.69 -19.39 -10.33
CA VAL A 191 -22.61 -20.34 -10.54
C VAL A 191 -21.42 -19.62 -11.15
N ASN A 192 -21.65 -18.88 -12.23
CA ASN A 192 -20.60 -18.18 -12.97
C ASN A 192 -20.74 -16.69 -12.74
N TRP A 193 -19.64 -16.07 -12.32
CA TRP A 193 -19.63 -14.69 -11.88
C TRP A 193 -18.80 -13.85 -12.83
N TYR A 194 -19.25 -12.63 -13.09
CA TYR A 194 -18.56 -11.81 -14.06
C TYR A 194 -18.78 -10.35 -13.69
N ASN A 195 -18.21 -9.46 -14.49
CA ASN A 195 -18.26 -8.02 -14.23
C ASN A 195 -17.68 -7.68 -12.85
N HIS A 196 -16.65 -8.41 -12.45
CA HIS A 196 -15.93 -8.11 -11.22
C HIS A 196 -15.50 -6.65 -11.20
N LYS A 197 -15.65 -6.02 -10.04
CA LYS A 197 -15.32 -4.61 -9.94
C LYS A 197 -15.00 -4.29 -8.49
N ILE A 198 -13.95 -3.51 -8.26
CA ILE A 198 -13.72 -2.98 -6.92
C ILE A 198 -14.74 -1.91 -6.65
N ILE A 199 -15.38 -1.94 -5.48
CA ILE A 199 -16.32 -0.88 -5.14
C ILE A 199 -15.82 0.00 -4.01
N MET A 200 -14.95 -0.50 -3.15
CA MET A 200 -14.52 0.29 -2.01
C MET A 200 -13.16 -0.22 -1.58
N SER A 201 -12.35 0.67 -1.04
CA SER A 201 -10.96 0.38 -0.72
C SER A 201 -10.62 0.85 0.68
N PRO A 202 -9.59 0.26 1.29
CA PRO A 202 -9.07 0.80 2.54
C PRO A 202 -8.50 2.20 2.32
N LYS A 203 -8.24 2.88 3.44
CA LYS A 203 -7.80 4.27 3.43
C LYS A 203 -6.59 4.38 4.33
N SER A 204 -5.47 4.81 3.75
CA SER A 204 -4.22 4.81 4.49
C SER A 204 -4.28 5.83 5.63
N HIS A 205 -3.49 5.55 6.68
CA HIS A 205 -3.42 6.41 7.87
C HIS A 205 -4.78 6.58 8.53
N THR A 206 -5.58 5.51 8.49
CA THR A 206 -6.87 5.50 9.18
C THR A 206 -7.03 4.16 9.88
N TRP A 207 -8.14 4.05 10.64
CA TRP A 207 -8.48 2.78 11.28
C TRP A 207 -8.76 1.69 10.25
N GLU A 208 -9.01 2.06 9.00
CA GLU A 208 -9.35 1.10 7.96
C GLU A 208 -8.26 1.12 6.89
N SER A 209 -7.00 1.01 7.29
CA SER A 209 -5.90 1.20 6.36
C SER A 209 -5.43 -0.10 5.72
N LYS A 210 -5.43 -1.20 6.47
CA LYS A 210 -4.87 -2.45 5.99
C LYS A 210 -5.81 -3.13 4.99
N LYS A 211 -7.07 -3.31 5.36
CA LYS A 211 -7.98 -4.04 4.51
C LYS A 211 -9.38 -3.79 5.03
N ILE A 212 -10.36 -4.02 4.15
CA ILE A 212 -11.77 -3.90 4.49
C ILE A 212 -12.48 -5.11 3.89
N GLY A 213 -13.68 -5.34 4.36
CA GLY A 213 -14.50 -6.43 3.88
C GLY A 213 -15.92 -6.20 4.33
N ILE A 214 -16.87 -6.74 3.58
CA ILE A 214 -18.26 -6.52 3.92
C ILE A 214 -18.58 -7.17 5.26
N ALA A 215 -19.50 -6.55 6.01
CA ALA A 215 -20.03 -7.21 7.18
C ALA A 215 -21.17 -8.13 6.75
N GLY A 216 -22.37 -7.88 7.28
CA GLY A 216 -23.51 -8.61 6.83
C GLY A 216 -23.95 -8.11 5.46
N PRO A 217 -24.91 -8.81 4.84
CA PRO A 217 -25.38 -8.36 3.54
C PRO A 217 -26.01 -6.98 3.66
N PRO A 218 -26.00 -6.20 2.59
CA PRO A 218 -26.52 -4.84 2.67
C PRO A 218 -28.02 -4.81 2.91
N ILE A 219 -28.42 -3.81 3.67
CA ILE A 219 -29.82 -3.60 4.03
C ILE A 219 -30.42 -2.52 3.14
N LYS A 220 -31.53 -2.84 2.49
CA LYS A 220 -32.18 -1.88 1.62
C LYS A 220 -32.77 -0.72 2.42
N ARG A 221 -32.56 0.49 1.90
CA ARG A 221 -33.15 1.70 2.41
C ARG A 221 -33.79 2.44 1.25
N GLU A 222 -34.49 3.53 1.55
CA GLU A 222 -35.03 4.34 0.46
C GLU A 222 -33.91 5.11 -0.24
N ASP A 223 -32.87 5.48 0.48
CA ASP A 223 -31.82 6.32 -0.08
C ASP A 223 -30.63 5.50 -0.60
N GLY A 224 -30.73 4.17 -0.58
CA GLY A 224 -29.66 3.32 -1.05
C GLY A 224 -29.58 2.05 -0.22
N TRP A 225 -28.46 1.35 -0.37
CA TRP A 225 -28.21 0.13 0.38
C TRP A 225 -27.26 0.44 1.52
N LEU A 226 -27.65 0.08 2.74
CA LEU A 226 -26.76 0.25 3.88
C LEU A 226 -25.71 -0.84 3.85
N LEU A 227 -24.44 -0.46 3.79
CA LEU A 227 -23.35 -1.43 3.73
C LEU A 227 -22.49 -1.23 4.96
N ILE A 228 -22.79 -2.00 5.99
CA ILE A 228 -21.90 -2.12 7.12
C ILE A 228 -20.70 -2.96 6.70
N TYR A 229 -19.51 -2.58 7.15
CA TYR A 229 -18.31 -3.32 6.79
C TYR A 229 -17.37 -3.33 7.97
N HIS A 230 -16.33 -4.15 7.90
CA HIS A 230 -15.28 -4.13 8.89
C HIS A 230 -14.03 -3.61 8.22
N GLY A 231 -13.28 -2.80 8.96
CA GLY A 231 -12.00 -2.29 8.49
C GLY A 231 -10.94 -2.68 9.50
N VAL A 232 -9.72 -2.86 9.01
CA VAL A 232 -8.61 -3.39 9.78
C VAL A 232 -7.47 -2.39 9.73
N ASP A 233 -6.95 -2.03 10.88
CA ASP A 233 -5.86 -1.07 10.87
C ASP A 233 -4.52 -1.83 10.82
N ASN A 234 -3.42 -1.10 10.92
CA ASN A 234 -2.13 -1.76 10.78
C ASN A 234 -1.76 -2.60 12.00
N ASN A 235 -2.54 -2.51 13.09
CA ASN A 235 -2.33 -3.39 14.23
C ASN A 235 -3.34 -4.52 14.27
N ASN A 236 -3.99 -4.78 13.15
CA ASN A 236 -4.96 -5.86 13.04
C ASN A 236 -6.16 -5.69 13.96
N VAL A 237 -6.47 -4.45 14.37
CA VAL A 237 -7.72 -4.18 15.09
C VAL A 237 -8.87 -4.12 14.10
N TYR A 238 -9.92 -4.87 14.37
CA TYR A 238 -11.10 -4.89 13.51
C TYR A 238 -12.17 -4.00 14.09
N ARG A 239 -12.67 -3.09 13.26
CA ARG A 239 -13.74 -2.18 13.67
C ARG A 239 -14.82 -2.23 12.61
N LEU A 240 -16.03 -1.82 12.97
CA LEU A 240 -17.09 -1.74 12.00
C LEU A 240 -17.19 -0.32 11.47
N GLY A 241 -17.45 -0.21 10.17
CA GLY A 241 -17.77 1.06 9.55
C GLY A 241 -19.03 0.90 8.73
N VAL A 242 -19.42 2.00 8.08
CA VAL A 242 -20.68 1.96 7.34
C VAL A 242 -20.56 2.84 6.12
N ALA A 243 -21.16 2.37 5.02
CA ALA A 243 -21.25 3.09 3.77
C ALA A 243 -22.67 2.95 3.21
N LEU A 244 -22.94 3.71 2.15
CA LEU A 244 -24.23 3.67 1.47
C LEU A 244 -24.01 3.44 -0.01
N LEU A 245 -24.62 2.39 -0.55
CA LEU A 245 -24.48 2.09 -1.96
C LEU A 245 -25.66 2.70 -2.71
N ASP A 246 -25.42 3.07 -3.98
CA ASP A 246 -26.51 3.55 -4.81
C ASP A 246 -27.59 2.48 -4.96
N LEU A 247 -28.85 2.91 -4.90
CA LEU A 247 -29.96 1.96 -4.85
C LEU A 247 -30.05 1.13 -6.12
N LYS A 248 -29.99 1.78 -7.30
CA LYS A 248 -30.13 1.07 -8.57
C LYS A 248 -28.82 0.45 -9.04
N ASP A 249 -27.68 0.96 -8.61
CA ASP A 249 -26.38 0.43 -8.99
C ASP A 249 -25.54 0.31 -7.72
N PRO A 250 -25.69 -0.78 -6.98
CA PRO A 250 -24.99 -0.91 -5.70
C PRO A 250 -23.49 -1.11 -5.86
N SER A 251 -22.97 -1.05 -7.07
CA SER A 251 -21.53 -1.02 -7.24
C SER A 251 -20.95 0.37 -7.00
N LYS A 252 -21.79 1.40 -6.93
CA LYS A 252 -21.35 2.77 -6.67
C LYS A 252 -21.60 3.14 -5.22
N VAL A 253 -20.54 3.54 -4.52
CA VAL A 253 -20.64 4.03 -3.15
C VAL A 253 -21.00 5.51 -3.22
N ILE A 254 -22.14 5.90 -2.63
CA ILE A 254 -22.54 7.29 -2.65
C ILE A 254 -22.32 8.00 -1.33
N ALA A 255 -21.86 7.27 -0.31
CA ALA A 255 -21.52 7.87 0.97
C ALA A 255 -20.75 6.85 1.79
N ARG A 256 -19.98 7.35 2.73
CA ARG A 256 -19.16 6.49 3.58
C ARG A 256 -18.74 7.31 4.78
N GLN A 257 -19.14 6.86 5.96
CA GLN A 257 -18.78 7.57 7.17
C GLN A 257 -17.31 7.41 7.46
N LYS A 258 -16.66 8.51 7.84
CA LYS A 258 -15.23 8.45 8.15
C LYS A 258 -14.97 7.68 9.44
N GLU A 259 -15.78 7.92 10.49
CA GLU A 259 -15.53 7.28 11.77
C GLU A 259 -16.17 5.90 11.82
N PRO A 260 -15.56 4.97 12.54
CA PRO A 260 -16.21 3.67 12.75
C PRO A 260 -17.52 3.82 13.51
N ILE A 261 -18.41 2.84 13.32
CA ILE A 261 -19.66 2.81 14.08
C ILE A 261 -19.61 1.88 15.28
N LEU A 262 -18.54 1.10 15.40
CA LEU A 262 -18.37 0.16 16.51
C LEU A 262 -16.89 -0.21 16.57
N GLU A 263 -16.35 -0.28 17.78
CA GLU A 263 -14.95 -0.59 18.00
C GLU A 263 -14.81 -1.45 19.24
N PRO A 264 -13.73 -2.25 19.33
CA PRO A 264 -13.47 -2.96 20.57
C PRO A 264 -13.36 -1.99 21.73
N GLU A 265 -14.22 -2.17 22.74
CA GLU A 265 -14.26 -1.28 23.90
C GLU A 265 -14.41 -2.08 25.18
N LEU A 266 -15.34 -3.01 25.22
CA LEU A 266 -15.56 -3.81 26.40
C LEU A 266 -14.46 -4.85 26.50
N ASP A 267 -14.24 -5.33 27.73
CA ASP A 267 -13.11 -6.21 27.94
C ASP A 267 -13.25 -7.51 27.16
N TRP A 268 -14.48 -8.00 26.94
CA TRP A 268 -14.62 -9.21 26.15
C TRP A 268 -14.54 -8.94 24.64
N GLU A 269 -14.40 -7.67 24.23
CA GLU A 269 -14.11 -7.31 22.85
C GLU A 269 -12.63 -7.03 22.63
N ILE A 270 -11.94 -6.55 23.64
CA ILE A 270 -10.52 -6.26 23.55
C ILE A 270 -9.68 -7.50 23.85
N ASN A 271 -10.05 -8.27 24.86
CA ASN A 271 -9.30 -9.47 25.20
C ASN A 271 -10.13 -10.70 24.86
N GLY A 272 -9.46 -11.72 24.32
CA GLY A 272 -10.14 -12.96 24.02
C GLY A 272 -9.24 -13.80 23.12
N LEU A 273 -9.87 -14.72 22.39
CA LEU A 273 -9.14 -15.64 21.54
C LEU A 273 -8.33 -14.90 20.48
N VAL A 274 -8.92 -13.86 19.88
CA VAL A 274 -8.19 -12.93 19.03
C VAL A 274 -8.47 -11.53 19.58
N PRO A 275 -7.46 -10.82 20.08
CA PRO A 275 -7.74 -9.54 20.72
C PRO A 275 -8.24 -8.50 19.72
N ASN A 276 -8.91 -7.47 20.26
CA ASN A 276 -9.21 -6.25 19.50
C ASN A 276 -10.05 -6.53 18.25
N VAL A 277 -11.16 -7.24 18.44
CA VAL A 277 -12.02 -7.59 17.31
C VAL A 277 -13.48 -7.33 17.67
N VAL A 278 -14.14 -6.52 16.86
CA VAL A 278 -15.58 -6.63 16.67
C VAL A 278 -15.80 -6.89 15.19
N PHE A 279 -16.70 -7.82 14.88
CA PHE A 279 -16.89 -8.30 13.52
C PHE A 279 -18.35 -8.69 13.38
N SER A 280 -19.03 -8.13 12.37
CA SER A 280 -20.42 -8.49 12.11
C SER A 280 -20.57 -9.29 10.82
N CYS A 281 -21.40 -10.33 10.87
CA CYS A 281 -21.80 -11.11 9.71
C CYS A 281 -23.29 -10.95 9.42
N GLY A 282 -23.97 -10.08 10.16
CA GLY A 282 -25.41 -10.04 10.06
C GLY A 282 -26.01 -8.88 10.83
N ALA A 283 -27.03 -8.29 10.23
CA ALA A 283 -27.77 -7.21 10.85
C ALA A 283 -29.13 -7.18 10.21
N VAL A 284 -30.11 -6.72 10.97
CA VAL A 284 -31.48 -6.87 10.53
C VAL A 284 -32.26 -5.69 11.05
N GLU A 285 -33.31 -5.32 10.32
CA GLU A 285 -34.12 -4.16 10.67
C GLU A 285 -35.40 -4.64 11.32
N VAL A 286 -35.69 -4.14 12.52
CA VAL A 286 -36.91 -4.51 13.23
C VAL A 286 -37.44 -3.26 13.92
N ASN A 287 -38.66 -2.87 13.57
CA ASN A 287 -39.33 -1.68 14.12
C ASN A 287 -38.43 -0.45 14.07
N ASP A 288 -37.97 -0.11 12.86
CA ASP A 288 -37.16 1.10 12.61
C ASP A 288 -35.86 1.11 13.41
N MET A 289 -35.34 -0.08 13.71
CA MET A 289 -34.07 -0.16 14.42
C MET A 289 -33.22 -1.24 13.76
N TYR A 290 -31.96 -0.93 13.48
CA TYR A 290 -31.03 -1.92 12.96
C TYR A 290 -30.39 -2.65 14.13
N TYR A 291 -30.51 -3.98 14.15
CA TYR A 291 -29.85 -4.81 15.13
C TYR A 291 -28.61 -5.42 14.49
N VAL A 292 -27.43 -5.07 14.99
CA VAL A 292 -26.16 -5.54 14.44
C VAL A 292 -25.57 -6.55 15.42
N TYR A 293 -25.52 -7.82 15.01
CA TYR A 293 -24.86 -8.86 15.79
C TYR A 293 -23.39 -8.89 15.43
N TYR A 294 -22.53 -9.04 16.43
CA TYR A 294 -21.11 -8.99 16.14
C TYR A 294 -20.38 -9.99 16.99
N GLY A 295 -19.38 -10.63 16.38
CA GLY A 295 -18.43 -11.37 17.15
C GLY A 295 -17.50 -10.44 17.88
N ALA A 296 -17.11 -10.85 19.07
CA ALA A 296 -16.27 -10.04 19.95
C ALA A 296 -15.04 -10.87 20.24
N ALA A 297 -13.88 -10.38 19.77
CA ALA A 297 -12.61 -11.03 20.04
C ALA A 297 -12.61 -12.48 19.54
N ASP A 298 -13.40 -12.74 18.50
CA ASP A 298 -13.57 -14.08 17.94
C ASP A 298 -13.97 -15.07 19.04
N THR A 299 -14.62 -14.58 20.11
CA THR A 299 -14.92 -15.45 21.26
C THR A 299 -16.39 -15.43 21.68
N HIS A 300 -17.06 -14.27 21.62
CA HIS A 300 -18.43 -14.14 22.08
C HIS A 300 -19.25 -13.41 21.02
N ILE A 301 -20.55 -13.32 21.26
CA ILE A 301 -21.43 -12.54 20.40
C ILE A 301 -22.08 -11.45 21.22
N GLY A 302 -21.98 -10.22 20.72
CA GLY A 302 -22.76 -9.11 21.22
C GLY A 302 -23.77 -8.65 20.20
N VAL A 303 -24.63 -7.75 20.61
CA VAL A 303 -25.56 -7.12 19.68
C VAL A 303 -25.58 -5.64 19.97
N ALA A 304 -25.63 -4.84 18.91
CA ALA A 304 -25.69 -3.40 19.05
C ALA A 304 -26.67 -2.87 18.02
N VAL A 305 -27.23 -1.70 18.30
CA VAL A 305 -28.38 -1.20 17.57
C VAL A 305 -28.12 0.23 17.19
N ILE A 306 -28.88 0.69 16.20
CA ILE A 306 -28.98 2.11 15.88
C ILE A 306 -30.39 2.36 15.40
N GLU A 307 -31.03 3.37 15.97
CA GLU A 307 -32.31 3.83 15.41
C GLU A 307 -32.10 4.20 13.94
N LYS A 308 -33.02 3.77 13.10
CA LYS A 308 -32.90 4.02 11.67
C LYS A 308 -32.88 5.51 11.37
N GLU A 309 -33.65 6.29 12.12
CA GLU A 309 -33.69 7.74 11.96
C GLU A 309 -32.29 8.35 11.99
N LYS A 310 -31.43 7.85 12.86
CA LYS A 310 -30.11 8.43 13.09
C LYS A 310 -29.08 8.02 12.05
N VAL A 311 -29.46 7.23 11.05
CA VAL A 311 -28.52 6.83 10.01
C VAL A 311 -28.53 7.95 8.96
N LYS A 312 -27.57 8.87 9.08
CA LYS A 312 -27.45 10.02 8.20
C LYS A 312 -26.02 10.08 7.68
N PHE A 313 -25.85 10.46 6.42
CA PHE A 313 -24.51 10.50 5.85
C PHE A 313 -24.03 11.90 5.46
N MET B 12 -14.11 20.77 -12.21
CA MET B 12 -12.75 20.26 -12.42
C MET B 12 -11.99 21.10 -13.44
N PHE B 13 -10.83 21.63 -13.08
CA PHE B 13 -10.11 22.51 -13.97
C PHE B 13 -8.80 21.87 -14.40
N ARG B 14 -8.26 22.36 -15.50
CA ARG B 14 -7.04 21.79 -16.04
C ARG B 14 -6.15 22.91 -16.55
N LEU B 15 -4.86 22.60 -16.68
CA LEU B 15 -3.91 23.52 -17.27
C LEU B 15 -4.00 23.44 -18.80
N THR B 16 -3.69 24.56 -19.45
CA THR B 16 -3.65 24.65 -20.91
C THR B 16 -2.22 24.96 -21.33
N ARG B 17 -1.65 24.13 -22.19
CA ARG B 17 -0.28 24.37 -22.62
C ARG B 17 -0.22 25.60 -23.51
N LEU B 18 0.80 26.43 -23.27
CA LEU B 18 1.04 27.59 -24.11
C LEU B 18 1.64 27.25 -25.46
N SER B 19 2.25 26.08 -25.59
CA SER B 19 2.91 25.72 -26.83
C SER B 19 2.85 24.21 -26.98
N ASN B 20 2.72 23.73 -28.22
CA ASN B 20 2.81 22.30 -28.45
C ASN B 20 4.25 21.83 -28.64
N LYS B 21 5.22 22.73 -28.50
CA LYS B 21 6.64 22.42 -28.52
C LYS B 21 7.26 22.82 -27.20
N PRO B 22 8.35 22.17 -26.79
CA PRO B 22 9.07 22.61 -25.59
C PRO B 22 9.51 24.06 -25.73
N ILE B 23 9.62 24.75 -24.60
CA ILE B 23 10.17 26.10 -24.59
C ILE B 23 11.62 26.11 -24.16
N LEU B 24 12.11 25.05 -23.53
CA LEU B 24 13.54 24.85 -23.31
C LEU B 24 13.84 23.39 -23.62
N SER B 25 14.94 23.18 -24.32
CA SER B 25 15.38 21.86 -24.71
C SER B 25 16.86 21.70 -24.43
N PRO B 26 17.36 20.46 -24.39
CA PRO B 26 18.79 20.23 -24.18
C PRO B 26 19.61 20.87 -25.29
N ILE B 27 20.87 21.12 -24.98
CA ILE B 27 21.79 21.77 -25.91
C ILE B 27 23.00 20.85 -26.05
N LYS B 28 23.10 20.20 -27.21
CA LYS B 28 24.08 19.14 -27.41
C LYS B 28 25.51 19.63 -27.21
N GLU B 29 25.77 20.91 -27.50
CA GLU B 29 27.11 21.47 -27.38
C GLU B 29 27.51 21.74 -25.94
N HIS B 30 26.57 21.72 -25.01
CA HIS B 30 26.86 21.95 -23.59
C HIS B 30 26.78 20.63 -22.87
N GLU B 31 27.93 20.11 -22.45
CA GLU B 31 27.98 18.84 -21.73
C GLU B 31 27.00 18.83 -20.56
N TRP B 32 26.96 19.91 -19.77
CA TRP B 32 26.18 19.87 -18.55
C TRP B 32 24.69 19.83 -18.80
N GLU B 33 24.24 20.17 -20.00
CA GLU B 33 22.81 20.14 -20.32
C GLU B 33 22.60 19.44 -21.65
N LYS B 34 23.45 18.46 -21.93
CA LYS B 34 23.47 17.81 -23.25
C LYS B 34 22.23 16.94 -23.46
N GLU B 35 21.66 16.36 -22.41
CA GLU B 35 20.59 15.39 -22.63
C GLU B 35 19.24 15.82 -22.08
N ALA B 36 19.21 16.70 -21.09
CA ALA B 36 17.92 17.02 -20.48
C ALA B 36 17.96 18.39 -19.82
N VAL B 37 16.87 19.12 -19.98
CA VAL B 37 16.58 20.25 -19.12
C VAL B 37 15.13 20.07 -18.69
N PHE B 38 14.86 20.24 -17.40
CA PHE B 38 13.55 19.88 -16.88
C PHE B 38 13.43 20.36 -15.43
N ASN B 39 12.37 19.93 -14.76
CA ASN B 39 12.09 20.21 -13.35
C ASN B 39 12.66 21.54 -12.86
N ALA B 40 12.00 22.65 -13.17
CA ALA B 40 12.58 23.97 -13.00
C ALA B 40 11.82 24.75 -11.93
N ALA B 41 12.56 25.32 -10.99
CA ALA B 41 12.00 26.32 -10.10
C ALA B 41 11.72 27.60 -10.88
N VAL B 42 10.76 28.40 -10.41
CA VAL B 42 10.51 29.65 -11.12
C VAL B 42 10.12 30.74 -10.12
N ILE B 43 10.67 31.93 -10.36
CA ILE B 43 10.37 33.14 -9.59
C ILE B 43 10.03 34.23 -10.59
N TYR B 44 8.95 34.95 -10.34
CA TYR B 44 8.62 36.11 -11.16
C TYR B 44 9.00 37.38 -10.39
N GLU B 45 9.94 38.14 -10.93
CA GLU B 45 10.49 39.32 -10.28
C GLU B 45 10.90 40.32 -11.35
N GLY B 46 10.64 41.60 -11.10
CA GLY B 46 11.03 42.64 -12.03
C GLY B 46 10.50 42.41 -13.44
N ASN B 47 9.23 41.99 -13.54
CA ASN B 47 8.58 41.70 -14.82
C ASN B 47 9.33 40.65 -15.63
N LYS B 48 9.98 39.70 -14.96
CA LYS B 48 10.72 38.67 -15.68
C LYS B 48 10.51 37.32 -15.03
N PHE B 49 10.38 36.30 -15.87
CA PHE B 49 10.36 34.91 -15.43
C PHE B 49 11.79 34.43 -15.24
N HIS B 50 12.11 33.98 -14.02
CA HIS B 50 13.42 33.42 -13.69
C HIS B 50 13.26 31.91 -13.54
N LEU B 51 13.86 31.15 -14.47
CA LEU B 51 13.81 29.69 -14.43
C LEU B 51 15.14 29.15 -13.95
N PHE B 52 15.10 28.28 -12.95
CA PHE B 52 16.30 27.56 -12.52
C PHE B 52 16.02 26.09 -12.81
N TYR B 53 16.61 25.58 -13.89
CA TYR B 53 16.19 24.31 -14.43
C TYR B 53 17.23 23.24 -14.16
N ARG B 54 16.74 22.04 -13.83
CA ARG B 54 17.63 20.91 -13.74
C ARG B 54 18.17 20.56 -15.12
N ALA B 55 19.44 20.16 -15.16
CA ALA B 55 20.06 19.79 -16.42
C ALA B 55 20.87 18.53 -16.24
N SER B 56 20.84 17.65 -17.24
CA SER B 56 21.56 16.41 -17.18
C SER B 56 22.51 16.28 -18.36
N ASN B 57 23.72 15.83 -18.06
CA ASN B 57 24.71 15.49 -19.07
C ASN B 57 24.50 14.12 -19.67
N ASN B 58 23.52 13.36 -19.19
CA ASN B 58 23.43 11.96 -19.60
C ASN B 58 21.99 11.47 -19.43
N LYS B 59 21.65 10.44 -20.20
CA LYS B 59 20.41 9.72 -19.95
C LYS B 59 20.47 9.08 -18.56
N PHE B 60 19.35 8.51 -18.14
CA PHE B 60 19.20 7.97 -16.77
C PHE B 60 19.01 6.46 -16.80
N VAL B 61 20.08 5.72 -16.55
CA VAL B 61 19.98 4.30 -16.25
C VAL B 61 19.73 4.18 -14.76
N LEU B 62 18.56 3.69 -14.39
CA LEU B 62 18.16 3.61 -12.99
C LEU B 62 17.97 2.18 -12.49
N ASN B 63 18.14 1.17 -13.33
CA ASN B 63 17.75 -0.19 -12.98
C ASN B 63 18.92 -1.05 -12.53
N THR B 64 20.01 -0.44 -12.08
CA THR B 64 21.11 -1.20 -11.51
C THR B 64 20.97 -1.27 -10.00
N GLU B 65 21.58 -2.30 -9.41
CA GLU B 65 21.57 -2.46 -7.96
C GLU B 65 22.01 -1.19 -7.26
N LYS B 66 23.08 -0.59 -7.75
CA LYS B 66 23.69 0.61 -7.21
C LYS B 66 23.99 1.54 -8.37
N PRO B 67 24.17 2.83 -8.11
CA PRO B 67 24.63 3.74 -9.17
C PRO B 67 26.05 3.38 -9.58
N GLU B 68 26.24 3.20 -10.87
CA GLU B 68 27.49 2.70 -11.42
C GLU B 68 28.14 3.80 -12.25
N GLU B 69 29.46 3.92 -12.13
CA GLU B 69 30.19 4.98 -12.83
C GLU B 69 29.90 4.96 -14.32
N LYS B 70 29.81 3.77 -14.90
CA LYS B 70 29.60 3.62 -16.34
C LYS B 70 28.26 4.21 -16.78
N TYR B 71 27.31 4.40 -15.85
CA TYR B 71 26.02 5.00 -16.15
C TYR B 71 25.81 6.32 -15.42
N LYS B 72 26.87 6.89 -14.86
CA LYS B 72 26.75 8.12 -14.09
C LYS B 72 26.14 9.24 -14.93
N PHE B 73 25.23 9.97 -14.30
CA PHE B 73 24.66 11.20 -14.82
C PHE B 73 24.84 12.26 -13.76
N VAL B 74 25.02 13.50 -14.19
CA VAL B 74 25.27 14.59 -13.28
C VAL B 74 24.18 15.61 -13.49
N SER B 75 23.48 15.95 -12.43
CA SER B 75 22.51 17.02 -12.53
C SER B 75 23.15 18.36 -12.21
N SER B 76 22.82 19.34 -13.02
CA SER B 76 23.22 20.72 -12.75
C SER B 76 21.98 21.59 -12.80
N ILE B 77 22.08 22.75 -12.19
CA ILE B 77 21.00 23.72 -12.23
C ILE B 77 21.45 24.87 -13.10
N GLY B 78 20.81 25.00 -14.28
CA GLY B 78 21.01 26.15 -15.13
C GLY B 78 19.98 27.22 -14.87
N TYR B 79 20.24 28.41 -15.42
CA TYR B 79 19.37 29.57 -15.27
C TYR B 79 18.88 30.02 -16.65
N ALA B 80 17.66 30.51 -16.71
CA ALA B 80 17.12 31.10 -17.92
C ALA B 80 16.17 32.21 -17.50
N VAL B 81 16.01 33.23 -18.35
CA VAL B 81 15.20 34.39 -17.98
C VAL B 81 14.39 34.86 -19.17
N SER B 82 13.15 35.27 -18.92
CA SER B 82 12.25 35.59 -20.01
C SER B 82 11.33 36.73 -19.58
N GLU B 83 11.05 37.62 -20.52
CA GLU B 83 10.06 38.67 -20.32
C GLU B 83 8.65 38.17 -20.61
N ASP B 84 8.48 37.37 -21.66
CA ASP B 84 7.15 36.97 -22.09
C ASP B 84 6.72 35.61 -21.53
N GLY B 85 7.64 34.84 -20.94
CA GLY B 85 7.32 33.53 -20.41
C GLY B 85 7.56 32.40 -21.38
N ILE B 86 7.94 32.72 -22.62
CA ILE B 86 8.05 31.75 -23.70
C ILE B 86 9.47 31.73 -24.27
N ASN B 87 10.06 32.89 -24.49
CA ASN B 87 11.39 33.00 -25.05
C ASN B 87 12.36 33.38 -23.92
N PHE B 88 13.36 32.55 -23.71
CA PHE B 88 14.28 32.71 -22.60
C PHE B 88 15.68 33.02 -23.11
N GLU B 89 16.40 33.86 -22.35
CA GLU B 89 17.83 33.96 -22.52
C GLU B 89 18.48 32.93 -21.62
N ARG B 90 19.40 32.16 -22.19
CA ARG B 90 20.08 31.08 -21.47
C ARG B 90 21.57 31.40 -21.35
N PHE B 91 22.26 30.54 -20.62
CA PHE B 91 23.64 30.80 -20.24
C PHE B 91 24.50 29.57 -20.52
N ASP B 92 25.80 29.81 -20.67
CA ASP B 92 26.71 28.78 -21.15
C ASP B 92 27.09 27.80 -20.07
N LYS B 93 27.03 28.19 -18.81
CA LYS B 93 27.41 27.35 -17.70
C LYS B 93 26.24 27.31 -16.74
N PRO B 94 26.13 26.26 -15.93
CA PRO B 94 25.08 26.23 -14.91
C PRO B 94 25.38 27.21 -13.77
N VAL B 95 24.32 27.57 -13.03
CA VAL B 95 24.48 28.51 -11.92
C VAL B 95 24.67 27.80 -10.59
N LEU B 96 24.40 26.51 -10.52
CA LEU B 96 24.62 25.74 -9.31
C LEU B 96 25.06 24.33 -9.70
N VAL B 97 26.15 23.85 -9.09
CA VAL B 97 26.61 22.50 -9.33
C VAL B 97 26.88 21.83 -7.99
N GLY B 98 26.86 20.51 -8.00
CA GLY B 98 27.17 19.77 -6.80
C GLY B 98 28.67 19.69 -6.65
N GLU B 99 29.21 20.47 -5.72
CA GLU B 99 30.66 20.43 -5.52
C GLU B 99 31.06 19.53 -4.37
N ILE B 100 30.10 19.19 -3.51
CA ILE B 100 30.35 18.48 -2.25
C ILE B 100 30.16 16.99 -2.50
N PRO B 101 30.88 16.11 -1.80
CA PRO B 101 30.73 14.66 -2.05
C PRO B 101 29.31 14.14 -1.89
N GLN B 102 28.52 14.70 -0.99
CA GLN B 102 27.13 14.30 -0.94
C GLN B 102 26.33 14.78 -2.14
N GLU B 103 26.93 15.60 -3.01
CA GLU B 103 26.27 16.09 -4.22
C GLU B 103 27.03 15.66 -5.46
N ALA B 104 27.77 14.56 -5.37
CA ALA B 104 28.66 14.16 -6.46
C ALA B 104 27.91 13.94 -7.77
N TRP B 105 26.70 13.38 -7.72
CA TRP B 105 25.94 13.22 -8.95
C TRP B 105 25.01 14.40 -9.21
N GLY B 106 25.16 15.47 -8.46
CA GLY B 106 24.59 16.73 -8.85
C GLY B 106 23.45 17.17 -7.95
N VAL B 107 22.67 18.13 -8.47
CA VAL B 107 21.70 18.88 -7.69
C VAL B 107 20.41 18.91 -8.51
N GLU B 108 19.31 18.51 -7.89
CA GLU B 108 18.11 18.19 -8.67
C GLU B 108 16.88 18.98 -8.23
N ASP B 109 15.96 19.16 -9.16
CA ASP B 109 14.60 19.59 -8.87
C ASP B 109 14.51 20.76 -7.88
N PRO B 110 15.10 21.90 -8.22
CA PRO B 110 15.07 23.04 -7.28
C PRO B 110 13.67 23.60 -7.14
N ARG B 111 13.35 24.01 -5.92
CA ARG B 111 12.15 24.82 -5.64
C ARG B 111 12.60 26.09 -4.94
N ILE B 112 12.16 27.24 -5.46
CA ILE B 112 12.60 28.52 -4.92
C ILE B 112 11.43 29.23 -4.28
N THR B 113 11.64 29.67 -3.06
CA THR B 113 10.67 30.42 -2.29
C THR B 113 11.31 31.72 -1.84
N LYS B 114 10.60 32.82 -2.04
CA LYS B 114 11.00 34.10 -1.45
C LYS B 114 10.35 34.20 -0.08
N ILE B 115 11.16 34.41 0.95
CA ILE B 115 10.65 34.71 2.28
C ILE B 115 11.24 36.04 2.70
N ASP B 116 10.37 37.03 2.92
CA ASP B 116 10.79 38.41 3.19
C ASP B 116 11.63 38.85 2.00
N ASN B 117 12.90 39.18 2.17
CA ASN B 117 13.67 39.68 1.05
C ASN B 117 14.81 38.74 0.70
N LYS B 118 14.63 37.46 1.02
CA LYS B 118 15.60 36.42 0.68
C LYS B 118 14.92 35.32 -0.12
N TYR B 119 15.71 34.70 -0.97
CA TYR B 119 15.27 33.64 -1.85
C TYR B 119 15.90 32.35 -1.38
N TYR B 120 15.09 31.32 -1.20
CA TYR B 120 15.59 30.02 -0.76
C TYR B 120 15.35 29.01 -1.85
N MET B 121 16.42 28.35 -2.26
CA MET B 121 16.34 27.26 -3.21
C MET B 121 16.55 25.95 -2.48
N LEU B 122 15.52 25.12 -2.48
CA LEU B 122 15.62 23.78 -1.93
C LEU B 122 15.78 22.81 -3.09
N TYR B 123 16.73 21.89 -2.97
CA TYR B 123 16.97 20.96 -4.07
C TYR B 123 17.41 19.64 -3.48
N THR B 124 17.41 18.61 -4.32
CA THR B 124 17.92 17.31 -3.93
C THR B 124 19.39 17.22 -4.32
N GLY B 125 20.26 17.13 -3.32
CA GLY B 125 21.63 16.73 -3.57
C GLY B 125 21.73 15.22 -3.66
N PHE B 126 22.26 14.70 -4.76
CA PHE B 126 22.39 13.27 -5.00
C PHE B 126 23.86 12.93 -5.01
N GLY B 127 24.30 12.13 -4.04
CA GLY B 127 25.69 11.76 -3.95
C GLY B 127 26.10 10.57 -4.77
N GLY B 128 25.16 9.82 -5.33
CA GLY B 128 25.48 8.69 -6.18
C GLY B 128 26.16 7.49 -5.52
N ARG B 129 26.32 7.48 -4.19
CA ARG B 129 26.97 6.35 -3.55
C ARG B 129 26.01 5.17 -3.36
N ASP B 130 24.71 5.40 -3.44
CA ASP B 130 23.70 4.36 -3.55
C ASP B 130 22.41 5.08 -3.91
N TRP B 131 21.35 4.32 -4.19
CA TRP B 131 20.14 4.95 -4.69
C TRP B 131 19.41 5.74 -3.62
N LEU B 132 19.78 5.59 -2.35
CA LEU B 132 19.23 6.40 -1.28
C LEU B 132 20.14 7.55 -0.90
N ASP B 133 21.23 7.77 -1.64
CA ASP B 133 22.23 8.77 -1.28
C ASP B 133 21.78 10.17 -1.75
N PHE B 134 20.63 10.60 -1.24
CA PHE B 134 20.09 11.89 -1.59
C PHE B 134 19.46 12.54 -0.37
N ARG B 135 19.39 13.86 -0.42
CA ARG B 135 18.87 14.61 0.71
C ARG B 135 18.47 16.00 0.24
N ILE B 136 17.53 16.60 0.97
CA ILE B 136 17.12 17.97 0.70
C ILE B 136 18.23 18.91 1.15
N CYS B 137 18.72 19.73 0.25
CA CYS B 137 19.67 20.77 0.59
C CYS B 137 19.06 22.13 0.32
N MET B 138 19.65 23.14 0.95
CA MET B 138 19.19 24.50 0.83
C MET B 138 20.38 25.40 0.58
N VAL B 139 20.21 26.32 -0.36
CA VAL B 139 21.05 27.51 -0.47
C VAL B 139 20.11 28.70 -0.50
N TRP B 140 20.66 29.89 -0.28
CA TRP B 140 19.83 31.08 -0.30
C TRP B 140 20.60 32.25 -0.90
N SER B 141 19.86 33.26 -1.30
CA SER B 141 20.47 34.45 -1.87
C SER B 141 19.54 35.60 -1.55
N ASP B 142 20.05 36.82 -1.65
CA ASP B 142 19.16 37.96 -1.61
C ASP B 142 18.97 38.59 -2.97
N ASP B 143 19.53 37.99 -4.02
CA ASP B 143 19.51 38.60 -5.33
C ASP B 143 19.29 37.61 -6.47
N LEU B 144 18.93 36.36 -6.18
CA LEU B 144 18.83 35.29 -7.17
C LEU B 144 20.14 35.07 -7.91
N LYS B 145 21.23 35.65 -7.44
CA LYS B 145 22.50 35.57 -8.14
C LYS B 145 23.62 34.98 -7.32
N ASN B 146 23.72 35.32 -6.04
CA ASN B 146 24.84 34.87 -5.19
C ASN B 146 24.30 33.92 -4.11
N TRP B 147 24.37 32.63 -4.40
CA TRP B 147 23.82 31.61 -3.54
C TRP B 147 24.86 31.20 -2.50
N LYS B 148 24.42 31.04 -1.26
CA LYS B 148 25.33 30.68 -0.18
C LYS B 148 24.51 29.99 0.91
N GLY B 149 25.12 29.84 2.09
CA GLY B 149 24.40 29.33 3.23
C GLY B 149 23.98 27.88 3.06
N HIS B 150 24.78 27.10 2.35
CA HIS B 150 24.41 25.72 2.06
C HIS B 150 24.17 24.93 3.36
N ARG B 151 23.13 24.09 3.35
CA ARG B 151 22.91 23.22 4.50
C ARG B 151 22.06 22.03 4.07
N ILE B 152 22.22 20.94 4.80
CA ILE B 152 21.34 19.78 4.63
C ILE B 152 20.08 20.04 5.45
N VAL B 153 18.94 20.09 4.77
CA VAL B 153 17.72 20.50 5.45
C VAL B 153 17.25 19.42 6.41
N LEU B 154 17.02 18.21 5.89
CA LEU B 154 16.77 17.02 6.71
C LEU B 154 17.85 16.00 6.38
N ASP B 155 18.52 15.48 7.40
CA ASP B 155 19.61 14.53 7.19
C ASP B 155 19.04 13.11 7.10
N GLU B 156 18.38 12.85 5.99
CA GLU B 156 17.68 11.61 5.71
C GLU B 156 17.34 11.61 4.23
N PRO B 157 17.15 10.43 3.64
CA PRO B 157 16.69 10.39 2.24
C PRO B 157 15.28 10.96 2.13
N ASN B 158 15.16 12.06 1.39
CA ASN B 158 13.96 12.89 1.33
C ASN B 158 14.14 13.83 0.16
N LYS B 159 13.03 14.27 -0.41
CA LYS B 159 13.05 15.13 -1.59
C LYS B 159 11.69 15.80 -1.70
N ASP B 160 11.41 16.37 -2.87
CA ASP B 160 10.15 17.05 -3.10
C ASP B 160 9.90 18.07 -2.00
N ALA B 161 10.87 18.96 -1.79
CA ALA B 161 10.83 19.88 -0.67
C ALA B 161 10.63 21.32 -1.13
N ALA B 162 9.89 22.10 -0.33
CA ALA B 162 9.70 23.52 -0.63
C ALA B 162 9.39 24.27 0.65
N LEU B 163 9.85 25.52 0.71
CA LEU B 163 9.49 26.40 1.81
C LEU B 163 8.20 27.14 1.48
N LEU B 164 7.36 27.33 2.49
CA LEU B 164 6.24 28.26 2.35
C LEU B 164 6.77 29.68 2.28
N SER B 165 6.12 30.51 1.48
CA SER B 165 6.63 31.86 1.25
C SER B 165 6.44 32.79 2.44
N GLU B 166 5.77 32.36 3.50
CA GLU B 166 5.74 33.20 4.69
C GLU B 166 5.68 32.29 5.92
N LYS B 167 5.92 32.88 7.08
CA LYS B 167 5.88 32.16 8.33
C LYS B 167 4.45 31.95 8.80
N ILE B 168 4.24 30.88 9.57
CA ILE B 168 2.96 30.57 10.18
C ILE B 168 3.19 30.58 11.67
N ASN B 169 2.54 31.50 12.37
CA ASN B 169 2.71 31.66 13.82
C ASN B 169 4.19 31.72 14.18
N GLY B 170 4.92 32.49 13.39
CA GLY B 170 6.32 32.76 13.67
C GLY B 170 7.25 31.64 13.32
N LYS B 171 6.81 30.63 12.58
CA LYS B 171 7.63 29.49 12.22
C LYS B 171 7.74 29.38 10.71
N TYR B 172 8.94 29.03 10.26
CA TYR B 172 9.13 28.63 8.87
C TYR B 172 8.46 27.30 8.61
N VAL B 173 7.91 27.14 7.40
CA VAL B 173 7.14 25.96 7.05
C VAL B 173 7.84 25.21 5.92
N LEU B 174 8.13 23.93 6.13
CA LEU B 174 8.76 23.06 5.14
C LEU B 174 7.76 22.01 4.70
N PHE B 175 7.56 21.89 3.39
CA PHE B 175 6.92 20.74 2.80
C PHE B 175 8.01 19.77 2.37
N HIS B 176 7.81 18.48 2.62
CA HIS B 176 8.80 17.47 2.20
C HIS B 176 8.06 16.18 1.92
N ARG B 177 8.84 15.09 1.81
CA ARG B 177 8.23 13.87 1.27
C ARG B 177 8.93 12.61 1.78
N ARG B 178 8.77 12.31 3.05
CA ARG B 178 8.98 10.94 3.50
C ARG B 178 7.99 10.03 2.76
N MET B 179 8.55 9.04 2.06
CA MET B 179 7.79 8.19 1.15
C MET B 179 6.56 7.60 1.86
N PRO B 180 5.36 7.63 1.25
CA PRO B 180 5.08 8.27 -0.04
C PRO B 180 4.16 9.48 0.10
N ASP B 181 4.19 10.17 1.23
CA ASP B 181 3.23 11.23 1.51
C ASP B 181 3.87 12.60 1.38
N ILE B 182 3.03 13.61 1.20
CA ILE B 182 3.48 14.98 1.40
C ILE B 182 3.41 15.28 2.89
N TRP B 183 4.53 15.69 3.45
CA TRP B 183 4.67 16.06 4.85
C TRP B 183 4.86 17.56 5.00
N ILE B 184 4.59 18.05 6.20
CA ILE B 184 4.88 19.43 6.57
C ILE B 184 5.79 19.39 7.80
N ALA B 185 6.58 20.44 7.96
CA ALA B 185 7.38 20.59 9.18
C ALA B 185 7.58 22.08 9.42
N TYR B 186 8.06 22.39 10.63
CA TYR B 186 8.16 23.76 11.10
C TYR B 186 9.55 23.99 11.67
N SER B 187 10.01 25.24 11.61
CA SER B 187 11.32 25.59 12.11
C SER B 187 11.30 27.02 12.62
N ASP B 188 12.07 27.26 13.69
CA ASP B 188 12.31 28.61 14.17
C ASP B 188 13.48 29.28 13.49
N ASP B 189 14.35 28.50 12.86
CA ASP B 189 15.66 29.00 12.48
C ASP B 189 16.14 28.50 11.13
N LEU B 190 15.32 27.76 10.38
CA LEU B 190 15.73 27.21 9.09
C LEU B 190 16.90 26.25 9.22
N VAL B 191 17.04 25.58 10.35
CA VAL B 191 18.10 24.58 10.53
C VAL B 191 17.47 23.34 11.13
N ASN B 192 16.72 23.52 12.21
CA ASN B 192 16.13 22.42 12.97
C ASN B 192 14.64 22.36 12.72
N TRP B 193 14.15 21.19 12.34
CA TRP B 193 12.75 21.05 11.97
C TRP B 193 12.06 20.15 12.97
N TYR B 194 10.81 20.49 13.25
CA TYR B 194 10.02 19.76 14.23
C TYR B 194 8.55 19.86 13.83
N ASN B 195 7.70 19.24 14.64
CA ASN B 195 6.26 19.21 14.37
C ASN B 195 5.97 18.60 12.99
N HIS B 196 6.73 17.57 12.63
CA HIS B 196 6.47 16.88 11.36
C HIS B 196 5.06 16.29 11.35
N LYS B 197 4.41 16.37 10.19
CA LYS B 197 3.05 15.91 10.07
C LYS B 197 2.79 15.53 8.61
N ILE B 198 2.11 14.39 8.41
CA ILE B 198 1.59 14.07 7.10
C ILE B 198 0.41 14.99 6.81
N ILE B 199 0.39 15.61 5.63
CA ILE B 199 -0.74 16.43 5.24
C ILE B 199 -1.51 15.88 4.05
N MET B 200 -0.93 14.98 3.27
CA MET B 200 -1.64 14.47 2.12
C MET B 200 -1.01 13.15 1.73
N SER B 201 -1.85 12.22 1.30
CA SER B 201 -1.44 10.86 1.00
C SER B 201 -1.90 10.49 -0.39
N PRO B 202 -1.27 9.49 -1.00
CA PRO B 202 -1.77 8.97 -2.27
C PRO B 202 -3.12 8.30 -2.08
N LYS B 203 -3.78 8.02 -3.21
CA LYS B 203 -5.10 7.39 -3.21
C LYS B 203 -5.09 6.12 -4.06
N SER B 204 -5.53 5.03 -3.44
CA SER B 204 -5.52 3.73 -4.09
C SER B 204 -6.39 3.71 -5.34
N HIS B 205 -5.99 2.90 -6.31
CA HIS B 205 -6.75 2.71 -7.54
C HIS B 205 -7.06 4.04 -8.23
N THR B 206 -6.10 4.96 -8.19
CA THR B 206 -6.19 6.19 -8.96
C THR B 206 -4.86 6.44 -9.66
N TRP B 207 -4.82 7.54 -10.42
CA TRP B 207 -3.60 8.00 -11.06
C TRP B 207 -2.54 8.41 -10.04
N GLU B 208 -2.94 8.66 -8.80
CA GLU B 208 -2.00 9.11 -7.78
C GLU B 208 -1.87 8.05 -6.68
N SER B 209 -1.71 6.79 -7.09
CA SER B 209 -1.78 5.67 -6.16
C SER B 209 -0.43 5.34 -5.53
N LYS B 210 0.66 5.51 -6.27
CA LYS B 210 1.94 5.04 -5.79
C LYS B 210 2.55 6.02 -4.81
N LYS B 211 2.62 7.31 -5.18
CA LYS B 211 3.22 8.29 -4.31
C LYS B 211 2.84 9.66 -4.82
N ILE B 212 2.98 10.66 -3.95
CA ILE B 212 2.72 12.04 -4.31
C ILE B 212 3.83 12.89 -3.73
N GLY B 213 4.05 14.05 -4.33
CA GLY B 213 5.03 14.99 -3.84
C GLY B 213 4.65 16.38 -4.29
N ILE B 214 5.08 17.38 -3.51
CA ILE B 214 4.74 18.75 -3.86
C ILE B 214 5.34 19.09 -5.21
N ALA B 215 4.70 20.00 -5.92
CA ALA B 215 5.30 20.56 -7.12
C ALA B 215 6.14 21.77 -6.70
N GLY B 216 5.85 22.94 -7.27
CA GLY B 216 6.45 24.17 -6.78
C GLY B 216 5.95 24.53 -5.39
N PRO B 217 6.49 25.58 -4.79
CA PRO B 217 5.98 26.01 -3.49
C PRO B 217 4.56 26.51 -3.64
N PRO B 218 3.75 26.37 -2.59
CA PRO B 218 2.33 26.71 -2.72
C PRO B 218 2.15 28.20 -2.96
N ILE B 219 1.13 28.52 -3.74
CA ILE B 219 0.82 29.89 -4.10
C ILE B 219 -0.31 30.42 -3.20
N LYS B 220 -0.07 31.57 -2.58
CA LYS B 220 -1.07 32.16 -1.71
C LYS B 220 -2.27 32.65 -2.52
N ARG B 221 -3.45 32.38 -1.98
CA ARG B 221 -4.70 32.88 -2.50
C ARG B 221 -5.49 33.41 -1.32
N GLU B 222 -6.60 34.09 -1.60
CA GLU B 222 -7.48 34.52 -0.53
C GLU B 222 -8.15 33.31 0.14
N ASP B 223 -8.46 32.26 -0.62
CA ASP B 223 -9.17 31.11 -0.07
C ASP B 223 -8.26 30.01 0.46
N GLY B 224 -6.94 30.21 0.46
CA GLY B 224 -6.02 29.22 0.97
C GLY B 224 -4.74 29.21 0.15
N TRP B 225 -3.95 28.15 0.32
CA TRP B 225 -2.71 27.99 -0.42
C TRP B 225 -2.93 26.98 -1.54
N LEU B 226 -2.68 27.41 -2.78
CA LEU B 226 -2.78 26.50 -3.91
C LEU B 226 -1.60 25.55 -3.91
N LEU B 227 -1.86 24.26 -3.73
CA LEU B 227 -0.80 23.25 -3.68
C LEU B 227 -0.91 22.40 -4.94
N ILE B 228 -0.15 22.77 -5.96
CA ILE B 228 0.05 21.87 -7.07
C ILE B 228 0.98 20.75 -6.61
N TYR B 229 0.69 19.52 -7.04
CA TYR B 229 1.55 18.42 -6.68
C TYR B 229 1.64 17.46 -7.87
N HIS B 230 2.51 16.47 -7.74
CA HIS B 230 2.62 15.45 -8.76
C HIS B 230 2.23 14.12 -8.14
N GLY B 231 1.56 13.29 -8.94
CA GLY B 231 1.12 11.99 -8.49
C GLY B 231 1.63 10.95 -9.47
N VAL B 232 1.95 9.78 -8.94
CA VAL B 232 2.53 8.69 -9.70
C VAL B 232 1.59 7.49 -9.58
N ASP B 233 1.22 6.93 -10.71
CA ASP B 233 0.40 5.72 -10.68
C ASP B 233 1.32 4.50 -10.67
N ASN B 234 0.74 3.30 -10.74
CA ASN B 234 1.54 2.08 -10.68
C ASN B 234 2.41 1.83 -11.90
N ASN B 235 2.18 2.54 -13.01
CA ASN B 235 3.05 2.44 -14.16
C ASN B 235 4.10 3.53 -14.20
N ASN B 236 4.29 4.25 -13.09
CA ASN B 236 5.28 5.30 -12.95
C ASN B 236 4.99 6.50 -13.84
N VAL B 237 3.74 6.66 -14.23
CA VAL B 237 3.33 7.87 -14.94
C VAL B 237 3.19 9.01 -13.93
N TYR B 238 3.84 10.13 -14.24
CA TYR B 238 3.79 11.32 -13.39
C TYR B 238 2.82 12.33 -13.99
N ARG B 239 1.84 12.72 -13.21
CA ARG B 239 0.85 13.72 -13.57
C ARG B 239 0.82 14.81 -12.49
N LEU B 240 0.22 15.94 -12.82
CA LEU B 240 0.08 17.01 -11.86
C LEU B 240 -1.35 17.03 -11.34
N GLY B 241 -1.50 17.15 -10.03
CA GLY B 241 -2.78 17.40 -9.42
C GLY B 241 -2.73 18.70 -8.64
N VAL B 242 -3.87 19.02 -8.03
CA VAL B 242 -3.96 20.29 -7.34
C VAL B 242 -4.86 20.14 -6.12
N ALA B 243 -4.46 20.80 -5.05
CA ALA B 243 -5.18 20.82 -3.80
C ALA B 243 -5.13 22.24 -3.27
N LEU B 244 -5.91 22.50 -2.23
CA LEU B 244 -5.96 23.80 -1.57
C LEU B 244 -5.71 23.59 -0.09
N LEU B 245 -4.73 24.31 0.45
CA LEU B 245 -4.42 24.24 1.88
C LEU B 245 -5.14 25.35 2.62
N ASP B 246 -5.42 25.10 3.91
CA ASP B 246 -6.03 26.15 4.72
C ASP B 246 -5.07 27.34 4.86
N LEU B 247 -5.64 28.54 4.78
CA LEU B 247 -4.81 29.75 4.71
C LEU B 247 -4.00 29.98 5.98
N LYS B 248 -4.58 29.69 7.15
CA LYS B 248 -3.89 29.97 8.40
C LYS B 248 -3.16 28.76 8.96
N ASP B 249 -3.58 27.56 8.55
CA ASP B 249 -2.93 26.31 8.94
C ASP B 249 -2.73 25.54 7.65
N PRO B 250 -1.65 25.81 6.92
CA PRO B 250 -1.41 25.10 5.65
C PRO B 250 -1.20 23.60 5.82
N SER B 251 -1.11 23.09 7.05
CA SER B 251 -1.07 21.64 7.25
C SER B 251 -2.42 20.98 7.02
N LYS B 252 -3.49 21.74 6.85
CA LYS B 252 -4.83 21.17 6.68
C LYS B 252 -5.26 21.36 5.24
N VAL B 253 -5.57 20.25 4.57
CA VAL B 253 -6.07 20.30 3.21
C VAL B 253 -7.58 20.54 3.27
N ILE B 254 -8.05 21.58 2.59
CA ILE B 254 -9.47 21.87 2.60
C ILE B 254 -10.14 21.52 1.28
N ALA B 255 -9.37 21.27 0.23
CA ALA B 255 -9.96 20.80 -1.02
C ALA B 255 -8.85 20.13 -1.83
N ARG B 256 -9.25 19.15 -2.63
CA ARG B 256 -8.30 18.39 -3.42
C ARG B 256 -9.03 17.87 -4.64
N GLN B 257 -8.59 18.31 -5.82
CA GLN B 257 -9.28 17.94 -7.03
C GLN B 257 -9.01 16.46 -7.34
N LYS B 258 -10.03 15.77 -7.82
CA LYS B 258 -9.91 14.33 -8.07
C LYS B 258 -9.04 14.07 -9.29
N GLU B 259 -9.31 14.78 -10.38
CA GLU B 259 -8.61 14.63 -11.65
C GLU B 259 -7.33 15.45 -11.69
N PRO B 260 -6.35 14.97 -12.46
CA PRO B 260 -5.13 15.75 -12.66
C PRO B 260 -5.42 17.03 -13.42
N ILE B 261 -4.56 18.02 -13.22
CA ILE B 261 -4.61 19.24 -14.02
C ILE B 261 -3.67 19.20 -15.21
N LEU B 262 -2.79 18.22 -15.27
CA LEU B 262 -1.87 18.10 -16.41
C LEU B 262 -1.35 16.67 -16.45
N GLU B 263 -1.31 16.10 -17.65
CA GLU B 263 -0.89 14.72 -17.84
C GLU B 263 -0.03 14.68 -19.08
N PRO B 264 0.84 13.68 -19.21
CA PRO B 264 1.60 13.57 -20.46
C PRO B 264 0.65 13.27 -21.61
N GLU B 265 0.76 14.09 -22.66
CA GLU B 265 -0.06 13.92 -23.85
C GLU B 265 0.76 14.17 -25.12
N LEU B 266 1.64 15.17 -25.10
CA LEU B 266 2.42 15.48 -26.30
C LEU B 266 3.59 14.51 -26.44
N ASP B 267 4.04 14.33 -27.68
CA ASP B 267 5.06 13.30 -27.90
C ASP B 267 6.30 13.51 -27.04
N TRP B 268 6.67 14.76 -26.77
CA TRP B 268 7.86 15.05 -25.98
C TRP B 268 7.60 15.07 -24.48
N GLU B 269 6.36 14.83 -24.05
CA GLU B 269 6.04 14.49 -22.66
C GLU B 269 5.90 13.00 -22.45
N ILE B 270 5.47 12.27 -23.48
CA ILE B 270 5.33 10.84 -23.37
C ILE B 270 6.66 10.16 -23.59
N ASN B 271 7.41 10.63 -24.59
CA ASN B 271 8.67 10.04 -24.99
C ASN B 271 9.81 10.95 -24.56
N GLY B 272 10.91 10.33 -24.16
CA GLY B 272 12.06 11.06 -23.66
C GLY B 272 12.88 10.16 -22.76
N LEU B 273 13.79 10.80 -22.03
CA LEU B 273 14.68 10.06 -21.15
C LEU B 273 13.90 9.26 -20.12
N VAL B 274 12.84 9.83 -19.58
CA VAL B 274 11.98 9.04 -18.70
C VAL B 274 10.56 9.16 -19.21
N PRO B 275 9.97 8.09 -19.76
CA PRO B 275 8.67 8.23 -20.41
C PRO B 275 7.58 8.70 -19.45
N ASN B 276 6.55 9.34 -20.02
CA ASN B 276 5.29 9.56 -19.31
C ASN B 276 5.47 10.40 -18.05
N VAL B 277 6.10 11.57 -18.21
CA VAL B 277 6.31 12.46 -17.07
C VAL B 277 5.95 13.88 -17.45
N VAL B 278 5.08 14.49 -16.65
CA VAL B 278 5.05 15.94 -16.51
C VAL B 278 5.31 16.23 -15.04
N PHE B 279 6.18 17.20 -14.76
CA PHE B 279 6.69 17.40 -13.41
C PHE B 279 7.03 18.88 -13.23
N SER B 280 6.39 19.54 -12.28
CA SER B 280 6.60 20.97 -12.07
C SER B 280 7.34 21.21 -10.76
N CYS B 281 8.35 22.07 -10.80
CA CYS B 281 9.01 22.51 -9.60
C CYS B 281 8.77 23.99 -9.37
N GLY B 282 7.88 24.58 -10.17
CA GLY B 282 7.58 25.98 -9.98
C GLY B 282 6.38 26.49 -10.76
N ALA B 283 5.69 27.44 -10.15
CA ALA B 283 4.58 28.10 -10.79
C ALA B 283 4.44 29.48 -10.17
N VAL B 284 4.10 30.47 -11.00
CA VAL B 284 3.98 31.84 -10.50
C VAL B 284 2.69 32.45 -11.02
N GLU B 285 2.17 33.41 -10.27
CA GLU B 285 0.99 34.15 -10.67
C GLU B 285 1.42 35.39 -11.43
N VAL B 286 0.93 35.53 -12.66
CA VAL B 286 1.20 36.70 -13.50
C VAL B 286 -0.05 37.06 -14.26
N ASN B 287 -0.44 38.35 -14.20
CA ASN B 287 -1.59 38.85 -14.96
C ASN B 287 -2.83 38.00 -14.73
N ASP B 288 -3.15 37.72 -13.46
CA ASP B 288 -4.32 36.93 -13.09
C ASP B 288 -4.32 35.55 -13.76
N MET B 289 -3.13 35.04 -14.07
CA MET B 289 -2.97 33.70 -14.58
C MET B 289 -1.89 33.01 -13.78
N TYR B 290 -2.02 31.69 -13.66
CA TYR B 290 -1.00 30.86 -13.06
C TYR B 290 -0.17 30.26 -14.20
N TYR B 291 1.14 30.52 -14.18
CA TYR B 291 2.07 29.93 -15.13
C TYR B 291 2.71 28.74 -14.46
N VAL B 292 2.53 27.55 -15.04
CA VAL B 292 3.06 26.31 -14.49
C VAL B 292 4.10 25.80 -15.47
N TYR B 293 5.37 25.88 -15.06
CA TYR B 293 6.46 25.32 -15.86
C TYR B 293 6.66 23.88 -15.42
N TYR B 294 6.94 23.01 -16.38
CA TYR B 294 7.04 21.60 -16.04
C TYR B 294 8.09 20.93 -16.89
N GLY B 295 8.87 20.06 -16.24
CA GLY B 295 9.66 19.11 -16.99
C GLY B 295 8.75 18.11 -17.68
N ALA B 296 9.18 17.67 -18.85
CA ALA B 296 8.44 16.73 -19.68
C ALA B 296 9.37 15.60 -20.03
N ALA B 297 8.98 14.38 -19.64
CA ALA B 297 9.77 13.19 -19.91
C ALA B 297 11.19 13.33 -19.40
N ASP B 298 11.37 14.12 -18.35
CA ASP B 298 12.69 14.42 -17.80
C ASP B 298 13.65 14.82 -18.92
N THR B 299 13.12 15.52 -19.94
CA THR B 299 13.95 15.86 -21.09
C THR B 299 13.82 17.31 -21.55
N HIS B 300 12.62 17.87 -21.52
CA HIS B 300 12.39 19.25 -21.93
C HIS B 300 11.58 19.97 -20.87
N ILE B 301 11.38 21.27 -21.08
CA ILE B 301 10.52 22.06 -20.22
C ILE B 301 9.39 22.62 -21.07
N GLY B 302 8.15 22.44 -20.59
CA GLY B 302 7.00 23.11 -21.14
C GLY B 302 6.44 24.11 -20.16
N VAL B 303 5.43 24.85 -20.62
CA VAL B 303 4.70 25.78 -19.78
C VAL B 303 3.22 25.62 -20.07
N ALA B 304 2.40 25.68 -19.03
CA ALA B 304 0.96 25.62 -19.19
C ALA B 304 0.35 26.57 -18.17
N VAL B 305 -0.85 27.06 -18.48
CA VAL B 305 -1.44 28.12 -17.69
C VAL B 305 -2.88 27.75 -17.33
N ILE B 306 -3.38 28.43 -16.31
CA ILE B 306 -4.81 28.44 -15.99
C ILE B 306 -5.16 29.86 -15.57
N GLU B 307 -6.28 30.37 -16.08
CA GLU B 307 -6.82 31.61 -15.55
C GLU B 307 -7.12 31.42 -14.07
N LYS B 308 -6.65 32.36 -13.26
CA LYS B 308 -6.85 32.33 -11.82
C LYS B 308 -8.32 32.15 -11.47
N GLU B 309 -9.21 32.75 -12.26
CA GLU B 309 -10.64 32.66 -11.98
C GLU B 309 -11.17 31.24 -12.16
N LYS B 310 -10.51 30.42 -12.97
CA LYS B 310 -11.02 29.06 -13.16
C LYS B 310 -10.58 28.12 -12.04
N VAL B 311 -9.77 28.58 -11.10
CA VAL B 311 -9.32 27.71 -10.03
C VAL B 311 -10.44 27.62 -8.99
N LYS B 312 -11.33 26.65 -9.15
CA LYS B 312 -12.40 26.43 -8.19
C LYS B 312 -12.47 24.95 -7.82
N PHE B 313 -12.70 24.69 -6.54
CA PHE B 313 -12.81 23.30 -6.08
C PHE B 313 -14.25 22.91 -5.70
N MET C 12 -17.62 4.48 -37.58
CA MET C 12 -17.08 3.38 -36.78
C MET C 12 -17.33 2.05 -37.49
N PHE C 13 -16.39 1.12 -37.37
CA PHE C 13 -16.60 -0.22 -37.89
C PHE C 13 -16.27 -1.23 -36.79
N ARG C 14 -16.70 -2.47 -36.99
CA ARG C 14 -16.58 -3.47 -35.94
C ARG C 14 -16.44 -4.86 -36.56
N LEU C 15 -15.84 -5.76 -35.80
CA LEU C 15 -15.80 -7.14 -36.23
C LEU C 15 -17.19 -7.76 -36.13
N THR C 16 -17.40 -8.81 -36.93
CA THR C 16 -18.60 -9.63 -36.86
C THR C 16 -18.17 -11.05 -36.53
N ARG C 17 -18.68 -11.59 -35.43
CA ARG C 17 -18.39 -12.98 -35.09
C ARG C 17 -18.85 -13.91 -36.21
N LEU C 18 -18.00 -14.87 -36.57
CA LEU C 18 -18.40 -15.86 -37.55
C LEU C 18 -19.45 -16.82 -36.98
N SER C 19 -19.26 -17.25 -35.74
CA SER C 19 -20.17 -18.22 -35.14
C SER C 19 -20.48 -17.81 -33.71
N ASN C 20 -21.60 -18.32 -33.21
CA ASN C 20 -22.00 -18.04 -31.85
C ASN C 20 -21.45 -19.06 -30.86
N LYS C 21 -20.51 -19.89 -31.29
CA LYS C 21 -19.88 -20.89 -30.44
C LYS C 21 -18.39 -20.91 -30.74
N PRO C 22 -17.57 -21.30 -29.76
CA PRO C 22 -16.12 -21.34 -29.97
C PRO C 22 -15.74 -22.20 -31.17
N ILE C 23 -14.72 -21.76 -31.90
CA ILE C 23 -14.10 -22.64 -32.88
C ILE C 23 -13.08 -23.56 -32.26
N LEU C 24 -12.76 -23.38 -30.98
CA LEU C 24 -11.84 -24.28 -30.30
C LEU C 24 -12.07 -24.17 -28.81
N SER C 25 -12.13 -25.33 -28.15
CA SER C 25 -12.38 -25.44 -26.72
C SER C 25 -11.37 -26.37 -26.06
N PRO C 26 -11.23 -26.28 -24.74
CA PRO C 26 -10.36 -27.23 -24.03
C PRO C 26 -10.84 -28.65 -24.23
N ILE C 27 -9.93 -29.58 -23.99
CA ILE C 27 -10.22 -31.00 -23.95
C ILE C 27 -9.75 -31.50 -22.59
N LYS C 28 -10.70 -31.90 -21.74
CA LYS C 28 -10.41 -32.15 -20.33
C LYS C 28 -9.48 -33.34 -20.18
N GLU C 29 -9.54 -34.30 -21.09
CA GLU C 29 -8.69 -35.49 -21.06
C GLU C 29 -7.24 -35.21 -21.44
N HIS C 30 -6.93 -34.01 -21.94
CA HIS C 30 -5.56 -33.65 -22.32
C HIS C 30 -5.02 -32.68 -21.28
N GLU C 31 -4.15 -33.18 -20.39
CA GLU C 31 -3.66 -32.34 -19.29
C GLU C 31 -3.25 -30.96 -19.79
N TRP C 32 -2.54 -30.91 -20.91
CA TRP C 32 -1.91 -29.64 -21.30
C TRP C 32 -2.92 -28.61 -21.80
N GLU C 33 -4.11 -29.04 -22.19
CA GLU C 33 -5.14 -28.15 -22.69
C GLU C 33 -6.46 -28.45 -21.98
N LYS C 34 -6.35 -28.80 -20.71
CA LYS C 34 -7.50 -29.29 -19.94
C LYS C 34 -8.49 -28.17 -19.66
N GLU C 35 -8.01 -26.97 -19.35
CA GLU C 35 -8.91 -25.92 -18.88
C GLU C 35 -9.10 -24.76 -19.85
N ALA C 36 -8.16 -24.53 -20.75
CA ALA C 36 -8.25 -23.33 -21.59
C ALA C 36 -7.51 -23.55 -22.89
N VAL C 37 -8.10 -23.08 -23.98
CA VAL C 37 -7.38 -22.80 -25.21
C VAL C 37 -7.78 -21.39 -25.60
N PHE C 38 -6.79 -20.55 -25.91
CA PHE C 38 -7.06 -19.12 -26.11
C PHE C 38 -5.85 -18.46 -26.75
N ASN C 39 -5.95 -17.13 -26.88
CA ASN C 39 -4.89 -16.24 -27.35
C ASN C 39 -4.00 -16.91 -28.38
N ALA C 40 -4.49 -17.06 -29.60
CA ALA C 40 -3.87 -17.92 -30.59
C ALA C 40 -3.24 -17.09 -31.69
N ALA C 41 -2.02 -17.47 -32.07
CA ALA C 41 -1.42 -16.94 -33.29
C ALA C 41 -2.04 -17.64 -34.51
N VAL C 42 -2.06 -16.95 -35.63
CA VAL C 42 -2.63 -17.52 -36.85
C VAL C 42 -1.78 -17.12 -38.06
N ILE C 43 -1.60 -18.06 -38.97
CA ILE C 43 -0.93 -17.80 -40.24
C ILE C 43 -1.71 -18.51 -41.36
N TYR C 44 -1.97 -17.79 -42.44
CA TYR C 44 -2.61 -18.37 -43.62
C TYR C 44 -1.51 -18.74 -44.62
N GLU C 45 -1.32 -20.05 -44.82
CA GLU C 45 -0.37 -20.59 -45.79
C GLU C 45 -0.93 -21.87 -46.40
N GLY C 46 -0.60 -22.10 -47.67
CA GLY C 46 -1.08 -23.27 -48.37
C GLY C 46 -2.59 -23.36 -48.40
N ASN C 47 -3.25 -22.21 -48.46
CA ASN C 47 -4.71 -22.11 -48.36
C ASN C 47 -5.24 -22.79 -47.09
N LYS C 48 -4.47 -22.69 -46.01
CA LYS C 48 -4.88 -23.26 -44.73
C LYS C 48 -4.67 -22.24 -43.62
N PHE C 49 -5.62 -22.17 -42.69
CA PHE C 49 -5.42 -21.43 -41.45
C PHE C 49 -4.59 -22.28 -40.50
N HIS C 50 -3.41 -21.79 -40.14
CA HIS C 50 -2.56 -22.44 -39.15
C HIS C 50 -2.67 -21.66 -37.84
N LEU C 51 -3.19 -22.31 -36.81
CA LEU C 51 -3.58 -21.68 -35.56
C LEU C 51 -2.67 -22.21 -34.45
N PHE C 52 -2.00 -21.31 -33.77
CA PHE C 52 -1.07 -21.71 -32.71
C PHE C 52 -1.60 -21.17 -31.39
N TYR C 53 -2.17 -22.05 -30.59
CA TYR C 53 -3.04 -21.58 -29.52
C TYR C 53 -2.38 -21.78 -28.17
N ARG C 54 -2.59 -20.81 -27.29
CA ARG C 54 -2.21 -21.01 -25.91
C ARG C 54 -3.16 -21.99 -25.25
N ALA C 55 -2.62 -22.91 -24.47
CA ALA C 55 -3.43 -23.89 -23.77
C ALA C 55 -2.97 -23.98 -22.33
N SER C 56 -3.92 -24.12 -21.42
CA SER C 56 -3.62 -24.13 -19.99
C SER C 56 -4.13 -25.42 -19.35
N ASN C 57 -3.32 -25.98 -18.48
CA ASN C 57 -3.69 -27.16 -17.70
C ASN C 57 -4.53 -26.81 -16.49
N ASN C 58 -4.73 -25.53 -16.21
CA ASN C 58 -5.31 -25.17 -14.94
C ASN C 58 -6.10 -23.87 -15.08
N LYS C 59 -6.94 -23.62 -14.07
CA LYS C 59 -7.62 -22.35 -13.96
C LYS C 59 -6.62 -21.30 -13.53
N PHE C 60 -7.06 -20.04 -13.46
CA PHE C 60 -6.14 -18.94 -13.22
C PHE C 60 -6.50 -18.22 -11.92
N VAL C 61 -5.88 -18.65 -10.82
CA VAL C 61 -5.91 -17.88 -9.59
C VAL C 61 -4.91 -16.74 -9.76
N LEU C 62 -5.41 -15.53 -9.85
CA LEU C 62 -4.54 -14.39 -10.10
C LEU C 62 -4.46 -13.44 -8.93
N ASN C 63 -5.29 -13.63 -7.90
CA ASN C 63 -5.39 -12.63 -6.85
C ASN C 63 -4.46 -12.89 -5.67
N THR C 64 -3.46 -13.74 -5.83
CA THR C 64 -2.49 -13.96 -4.76
C THR C 64 -1.41 -12.90 -4.84
N GLU C 65 -0.83 -12.56 -3.71
CA GLU C 65 0.20 -11.54 -3.69
C GLU C 65 1.39 -11.94 -4.56
N LYS C 66 1.74 -13.22 -4.56
CA LYS C 66 2.74 -13.79 -5.45
C LYS C 66 2.11 -14.98 -6.16
N PRO C 67 2.73 -15.44 -7.25
CA PRO C 67 2.32 -16.74 -7.82
C PRO C 67 2.62 -17.86 -6.83
N GLU C 68 1.59 -18.64 -6.52
CA GLU C 68 1.68 -19.74 -5.57
C GLU C 68 1.72 -21.06 -6.32
N GLU C 69 2.70 -21.89 -5.98
CA GLU C 69 2.83 -23.20 -6.62
C GLU C 69 1.56 -24.03 -6.47
N LYS C 70 0.79 -23.81 -5.40
CA LYS C 70 -0.47 -24.52 -5.26
C LYS C 70 -1.46 -24.14 -6.35
N TYR C 71 -1.36 -22.93 -6.90
CA TYR C 71 -2.24 -22.51 -7.98
C TYR C 71 -1.50 -22.39 -9.30
N LYS C 72 -0.35 -23.05 -9.43
CA LYS C 72 0.42 -22.98 -10.66
C LYS C 72 -0.44 -23.36 -11.87
N PHE C 73 -0.35 -22.54 -12.90
CA PHE C 73 -0.91 -22.90 -14.20
C PHE C 73 0.24 -22.93 -15.19
N VAL C 74 0.12 -23.81 -16.18
CA VAL C 74 1.17 -24.03 -17.17
C VAL C 74 0.56 -23.82 -18.55
N SER C 75 1.10 -22.86 -19.31
CA SER C 75 0.62 -22.62 -20.66
C SER C 75 1.48 -23.39 -21.66
N SER C 76 0.84 -24.06 -22.60
CA SER C 76 1.51 -24.64 -23.75
C SER C 76 0.96 -24.01 -25.02
N ILE C 77 1.66 -24.25 -26.14
CA ILE C 77 1.20 -23.81 -27.45
C ILE C 77 0.80 -25.05 -28.23
N GLY C 78 -0.49 -25.12 -28.60
CA GLY C 78 -1.00 -26.17 -29.47
C GLY C 78 -1.12 -25.70 -30.91
N TYR C 79 -1.17 -26.67 -31.82
CA TYR C 79 -1.37 -26.41 -33.24
C TYR C 79 -2.72 -26.96 -33.66
N ALA C 80 -3.42 -26.18 -34.48
CA ALA C 80 -4.67 -26.60 -35.10
C ALA C 80 -4.65 -26.05 -36.51
N VAL C 81 -5.32 -26.73 -37.45
CA VAL C 81 -5.30 -26.35 -38.85
C VAL C 81 -6.71 -26.40 -39.42
N SER C 82 -7.02 -25.46 -40.31
CA SER C 82 -8.36 -25.44 -40.89
C SER C 82 -8.29 -24.97 -42.33
N GLU C 83 -9.27 -25.37 -43.14
CA GLU C 83 -9.38 -24.83 -44.48
C GLU C 83 -10.41 -23.72 -44.59
N ASP C 84 -11.50 -23.78 -43.82
CA ASP C 84 -12.52 -22.76 -43.88
C ASP C 84 -12.36 -21.72 -42.80
N GLY C 85 -11.37 -21.86 -41.93
CA GLY C 85 -11.19 -20.94 -40.82
C GLY C 85 -12.12 -21.14 -39.65
N ILE C 86 -13.01 -22.14 -39.71
CA ILE C 86 -14.01 -22.38 -38.69
C ILE C 86 -13.83 -23.75 -38.05
N ASN C 87 -13.67 -24.78 -38.88
CA ASN C 87 -13.55 -26.14 -38.41
C ASN C 87 -12.08 -26.53 -38.42
N PHE C 88 -11.52 -26.79 -37.24
CA PHE C 88 -10.10 -27.04 -37.10
C PHE C 88 -9.85 -28.49 -36.72
N GLU C 89 -8.81 -29.07 -37.32
CA GLU C 89 -8.24 -30.33 -36.87
C GLU C 89 -7.17 -30.04 -35.82
N ARG C 90 -7.11 -30.88 -34.79
CA ARG C 90 -6.21 -30.71 -33.64
C ARG C 90 -5.41 -31.97 -33.41
N PHE C 91 -4.49 -31.92 -32.45
CA PHE C 91 -3.51 -32.96 -32.24
C PHE C 91 -3.34 -33.29 -30.76
N ASP C 92 -2.87 -34.51 -30.49
CA ASP C 92 -2.69 -35.02 -29.13
C ASP C 92 -1.84 -34.09 -28.27
N LYS C 93 -0.81 -33.51 -28.87
CA LYS C 93 0.27 -32.97 -28.05
C LYS C 93 0.54 -31.54 -28.46
N PRO C 94 1.01 -30.71 -27.53
CA PRO C 94 1.40 -29.36 -27.87
C PRO C 94 2.62 -29.36 -28.78
N VAL C 95 2.79 -28.28 -29.53
CA VAL C 95 3.99 -28.14 -30.36
C VAL C 95 5.10 -27.42 -29.62
N LEU C 96 4.80 -26.58 -28.63
CA LEU C 96 5.83 -25.96 -27.80
C LEU C 96 5.41 -25.94 -26.35
N VAL C 97 6.38 -26.19 -25.47
CA VAL C 97 6.16 -26.14 -24.04
C VAL C 97 7.20 -25.20 -23.45
N GLY C 98 6.92 -24.72 -22.24
CA GLY C 98 7.90 -23.91 -21.54
C GLY C 98 9.04 -24.79 -21.06
N GLU C 99 10.26 -24.36 -21.33
CA GLU C 99 11.41 -25.13 -20.88
C GLU C 99 11.57 -24.92 -19.38
N ILE C 100 11.62 -26.02 -18.65
CA ILE C 100 11.69 -25.94 -17.19
C ILE C 100 13.14 -25.72 -16.79
N PRO C 101 13.44 -24.69 -15.97
CA PRO C 101 12.48 -23.84 -15.27
C PRO C 101 12.32 -22.39 -15.77
N GLN C 102 13.18 -21.95 -16.68
CA GLN C 102 13.14 -20.56 -17.13
C GLN C 102 11.74 -20.14 -17.62
N GLU C 103 11.01 -21.07 -18.26
CA GLU C 103 9.61 -20.85 -18.64
C GLU C 103 8.73 -21.81 -17.85
N ALA C 104 8.92 -21.86 -16.52
CA ALA C 104 8.31 -22.91 -15.71
C ALA C 104 6.78 -22.92 -15.84
N TRP C 105 6.15 -21.75 -15.85
CA TRP C 105 4.70 -21.69 -15.96
C TRP C 105 4.24 -21.57 -17.41
N GLY C 106 5.13 -21.82 -18.35
CA GLY C 106 4.77 -22.09 -19.72
C GLY C 106 5.04 -20.93 -20.66
N VAL C 107 4.36 -20.99 -21.80
CA VAL C 107 4.63 -20.10 -22.92
C VAL C 107 3.28 -19.53 -23.39
N GLU C 108 3.19 -18.21 -23.47
CA GLU C 108 1.89 -17.55 -23.56
C GLU C 108 1.76 -16.70 -24.83
N ASP C 109 0.52 -16.60 -25.31
CA ASP C 109 0.11 -15.56 -26.25
C ASP C 109 1.03 -15.39 -27.46
N PRO C 110 1.25 -16.44 -28.24
CA PRO C 110 2.19 -16.31 -29.36
C PRO C 110 1.63 -15.38 -30.43
N ARG C 111 2.53 -14.63 -31.07
CA ARG C 111 2.24 -13.88 -32.28
C ARG C 111 3.26 -14.32 -33.32
N ILE C 112 2.79 -14.65 -34.53
CA ILE C 112 3.65 -15.19 -35.56
C ILE C 112 3.67 -14.20 -36.70
N THR C 113 4.86 -13.92 -37.20
CA THR C 113 5.08 -13.04 -38.31
C THR C 113 5.97 -13.75 -39.30
N LYS C 114 5.60 -13.68 -40.57
CA LYS C 114 6.41 -14.22 -41.64
C LYS C 114 7.26 -13.10 -42.23
N ILE C 115 8.57 -13.32 -42.30
CA ILE C 115 9.48 -12.37 -42.96
C ILE C 115 10.44 -13.18 -43.83
N ASP C 116 10.48 -12.89 -45.13
CA ASP C 116 11.38 -13.55 -46.08
C ASP C 116 11.41 -15.06 -45.89
N ASN C 117 10.24 -15.69 -45.99
CA ASN C 117 10.14 -17.15 -45.96
C ASN C 117 10.56 -17.75 -44.62
N LYS C 118 10.64 -16.94 -43.57
CA LYS C 118 10.80 -17.48 -42.22
C LYS C 118 9.63 -17.04 -41.35
N TYR C 119 9.29 -17.88 -40.40
CA TYR C 119 8.20 -17.62 -39.47
C TYR C 119 8.79 -17.35 -38.09
N TYR C 120 8.43 -16.20 -37.52
CA TYR C 120 8.92 -15.81 -36.21
C TYR C 120 7.74 -15.82 -35.25
N MET C 121 7.84 -16.66 -34.22
CA MET C 121 6.82 -16.70 -33.18
C MET C 121 7.36 -16.03 -31.93
N LEU C 122 6.73 -14.92 -31.55
CA LEU C 122 7.08 -14.22 -30.32
C LEU C 122 6.05 -14.59 -29.27
N TYR C 123 6.52 -15.08 -28.11
CA TYR C 123 5.58 -15.46 -27.05
C TYR C 123 6.10 -14.93 -25.72
N THR C 124 5.24 -15.00 -24.72
CA THR C 124 5.61 -14.55 -23.39
C THR C 124 6.04 -15.77 -22.58
N GLY C 125 7.32 -15.82 -22.22
CA GLY C 125 7.78 -16.86 -21.30
C GLY C 125 7.47 -16.43 -19.88
N PHE C 126 6.83 -17.31 -19.12
CA PHE C 126 6.43 -17.03 -17.74
C PHE C 126 7.09 -18.04 -16.82
N GLY C 127 7.99 -17.55 -15.97
CA GLY C 127 8.68 -18.40 -15.03
C GLY C 127 7.98 -18.60 -13.71
N GLY C 128 6.98 -17.79 -13.40
CA GLY C 128 6.16 -17.99 -12.21
C GLY C 128 6.77 -17.64 -10.88
N ARG C 129 7.95 -16.99 -10.84
CA ARG C 129 8.59 -16.72 -9.57
C ARG C 129 8.07 -15.45 -8.91
N ASP C 130 7.52 -14.55 -9.70
CA ASP C 130 6.76 -13.41 -9.20
C ASP C 130 5.89 -12.98 -10.38
N TRP C 131 5.00 -12.00 -10.16
CA TRP C 131 4.05 -11.69 -11.20
C TRP C 131 4.68 -10.88 -12.34
N LEU C 132 5.93 -10.46 -12.19
CA LEU C 132 6.64 -9.83 -13.29
C LEU C 132 7.69 -10.75 -13.87
N ASP C 133 7.70 -12.03 -13.48
CA ASP C 133 8.68 -12.99 -13.97
C ASP C 133 8.30 -13.48 -15.37
N PHE C 134 8.25 -12.55 -16.33
CA PHE C 134 7.89 -12.90 -17.70
C PHE C 134 8.72 -12.08 -18.68
N ARG C 135 8.86 -12.61 -19.90
CA ARG C 135 9.59 -11.84 -20.90
C ARG C 135 9.18 -12.29 -22.30
N ILE C 136 9.47 -11.43 -23.27
CA ILE C 136 9.25 -11.78 -24.66
C ILE C 136 10.29 -12.80 -25.07
N CYS C 137 9.85 -13.93 -25.59
CA CYS C 137 10.75 -14.89 -26.17
C CYS C 137 10.40 -15.09 -27.64
N MET C 138 11.38 -15.54 -28.39
CA MET C 138 11.21 -15.73 -29.82
C MET C 138 11.84 -17.03 -30.26
N VAL C 139 11.09 -17.82 -31.01
CA VAL C 139 11.61 -18.91 -31.81
C VAL C 139 11.23 -18.62 -33.25
N TRP C 140 11.82 -19.38 -34.15
CA TRP C 140 11.53 -19.22 -35.57
C TRP C 140 11.59 -20.56 -36.28
N SER C 141 11.00 -20.60 -37.47
CA SER C 141 11.07 -21.79 -38.31
C SER C 141 10.92 -21.35 -39.75
N ASP C 142 11.23 -22.25 -40.67
CA ASP C 142 10.89 -22.02 -42.07
C ASP C 142 9.75 -22.92 -42.54
N ASP C 143 9.10 -23.65 -41.64
CA ASP C 143 8.04 -24.54 -42.09
C ASP C 143 6.85 -24.61 -41.13
N LEU C 144 6.77 -23.70 -40.15
CA LEU C 144 5.72 -23.72 -39.13
C LEU C 144 5.73 -24.99 -38.29
N LYS C 145 6.73 -25.85 -38.44
CA LYS C 145 6.78 -27.11 -37.69
C LYS C 145 8.00 -27.22 -36.80
N ASN C 146 9.17 -26.85 -37.30
CA ASN C 146 10.42 -27.14 -36.61
C ASN C 146 10.92 -25.83 -36.02
N TRP C 147 10.30 -25.45 -34.90
CA TRP C 147 10.65 -24.22 -34.21
C TRP C 147 12.01 -24.37 -33.56
N LYS C 148 12.80 -23.30 -33.59
CA LYS C 148 14.17 -23.36 -33.11
C LYS C 148 14.64 -21.95 -32.82
N GLY C 149 15.90 -21.82 -32.41
CA GLY C 149 16.50 -20.52 -32.20
C GLY C 149 15.95 -19.71 -31.03
N HIS C 150 15.40 -20.36 -30.01
CA HIS C 150 14.85 -19.64 -28.85
C HIS C 150 15.80 -18.56 -28.35
N ARG C 151 15.25 -17.40 -28.03
CA ARG C 151 16.05 -16.35 -27.45
C ARG C 151 15.12 -15.43 -26.69
N ILE C 152 15.65 -14.75 -25.69
CA ILE C 152 14.91 -13.70 -25.00
C ILE C 152 15.10 -12.43 -25.81
N VAL C 153 13.99 -11.88 -26.30
CA VAL C 153 14.03 -10.70 -27.17
C VAL C 153 14.48 -9.48 -26.39
N LEU C 154 13.79 -9.16 -25.30
CA LEU C 154 14.17 -8.04 -24.43
C LEU C 154 14.35 -8.57 -23.01
N ASP C 155 15.45 -8.16 -22.39
CA ASP C 155 15.78 -8.58 -21.03
C ASP C 155 15.10 -7.60 -20.07
N GLU C 156 13.80 -7.77 -19.94
CA GLU C 156 12.96 -6.91 -19.10
C GLU C 156 11.58 -7.54 -19.03
N PRO C 157 10.81 -7.24 -17.99
CA PRO C 157 9.42 -7.68 -17.99
C PRO C 157 8.67 -7.02 -19.13
N ASN C 158 8.23 -7.82 -20.09
CA ASN C 158 7.66 -7.25 -21.30
C ASN C 158 6.86 -8.36 -21.96
N LYS C 159 5.94 -7.96 -22.82
CA LYS C 159 5.03 -8.89 -23.50
C LYS C 159 4.30 -8.15 -24.61
N ASP C 160 3.16 -8.67 -25.05
CA ASP C 160 2.39 -8.10 -26.16
C ASP C 160 3.33 -7.67 -27.30
N ALA C 161 4.12 -8.62 -27.78
CA ALA C 161 5.19 -8.32 -28.71
C ALA C 161 4.90 -8.96 -30.07
N ALA C 162 5.23 -8.24 -31.15
CA ALA C 162 5.12 -8.82 -32.47
C ALA C 162 6.11 -8.15 -33.40
N LEU C 163 6.60 -8.91 -34.38
CA LEU C 163 7.41 -8.37 -35.46
C LEU C 163 6.55 -7.88 -36.61
N LEU C 164 6.99 -6.78 -37.22
CA LEU C 164 6.43 -6.38 -38.51
C LEU C 164 6.86 -7.37 -39.59
N SER C 165 5.98 -7.59 -40.57
CA SER C 165 6.25 -8.59 -41.60
C SER C 165 7.28 -8.17 -42.63
N GLU C 166 7.77 -6.93 -42.59
CA GLU C 166 8.89 -6.56 -43.46
C GLU C 166 9.77 -5.55 -42.75
N LYS C 167 10.98 -5.39 -43.28
CA LYS C 167 11.92 -4.41 -42.76
C LYS C 167 11.50 -3.01 -43.17
N ILE C 168 11.88 -2.03 -42.34
CA ILE C 168 11.69 -0.61 -42.64
C ILE C 168 13.06 0.04 -42.70
N ASN C 169 13.41 0.59 -43.87
CA ASN C 169 14.74 1.15 -44.12
C ASN C 169 15.81 0.18 -43.65
N GLY C 170 15.65 -1.09 -44.04
CA GLY C 170 16.62 -2.10 -43.67
C GLY C 170 16.61 -2.56 -42.23
N LYS C 171 15.58 -2.22 -41.46
CA LYS C 171 15.52 -2.59 -40.05
C LYS C 171 14.33 -3.49 -39.77
N TYR C 172 14.54 -4.50 -38.94
CA TYR C 172 13.42 -5.22 -38.34
C TYR C 172 12.67 -4.31 -37.36
N VAL C 173 11.37 -4.53 -37.26
CA VAL C 173 10.50 -3.71 -36.45
C VAL C 173 9.83 -4.56 -35.39
N LEU C 174 9.97 -4.16 -34.14
CA LEU C 174 9.42 -4.88 -33.01
C LEU C 174 8.41 -3.97 -32.32
N PHE C 175 7.20 -4.48 -32.13
CA PHE C 175 6.22 -3.84 -31.28
C PHE C 175 6.25 -4.55 -29.93
N HIS C 176 6.18 -3.77 -28.85
CA HIS C 176 6.15 -4.36 -27.52
C HIS C 176 5.37 -3.44 -26.59
N ARG C 177 5.39 -3.77 -25.29
CA ARG C 177 4.50 -3.12 -24.32
C ARG C 177 5.22 -3.02 -22.98
N ARG C 178 6.05 -2.00 -22.84
CA ARG C 178 6.37 -1.53 -21.49
C ARG C 178 5.12 -0.86 -20.97
N MET C 179 4.64 -1.32 -19.83
CA MET C 179 3.35 -0.89 -19.33
C MET C 179 3.29 0.64 -19.25
N PRO C 180 2.19 1.27 -19.67
CA PRO C 180 0.95 0.77 -20.22
C PRO C 180 0.78 0.99 -21.73
N ASP C 181 1.86 1.27 -22.45
CA ASP C 181 1.77 1.74 -23.82
C ASP C 181 2.27 0.70 -24.80
N ILE C 182 1.93 0.91 -26.07
CA ILE C 182 2.52 0.11 -27.14
C ILE C 182 3.82 0.78 -27.60
N TRP C 183 4.89 -0.01 -27.63
CA TRP C 183 6.19 0.49 -28.02
C TRP C 183 6.63 -0.11 -29.34
N ILE C 184 7.48 0.65 -30.02
CA ILE C 184 8.18 0.17 -31.21
C ILE C 184 9.66 0.19 -30.93
N ALA C 185 10.40 -0.67 -31.62
CA ALA C 185 11.86 -0.68 -31.56
C ALA C 185 12.38 -1.26 -32.87
N TYR C 186 13.69 -1.11 -33.09
CA TYR C 186 14.30 -1.44 -34.36
C TYR C 186 15.54 -2.30 -34.15
N SER C 187 15.82 -3.15 -35.13
CA SER C 187 16.97 -4.06 -35.02
C SER C 187 17.58 -4.32 -36.38
N ASP C 188 18.88 -4.54 -36.37
CA ASP C 188 19.58 -4.99 -37.56
C ASP C 188 19.70 -6.50 -37.61
N ASP C 189 19.66 -7.16 -36.45
CA ASP C 189 20.07 -8.55 -36.34
C ASP C 189 19.01 -9.44 -35.69
N LEU C 190 17.82 -8.92 -35.41
CA LEU C 190 16.81 -9.62 -34.61
C LEU C 190 17.33 -10.01 -33.22
N VAL C 191 18.38 -9.34 -32.75
CA VAL C 191 18.98 -9.68 -31.46
C VAL C 191 19.06 -8.44 -30.58
N ASN C 192 19.51 -7.33 -31.15
CA ASN C 192 19.72 -6.10 -30.41
C ASN C 192 18.75 -5.05 -30.91
N TRP C 193 17.96 -4.51 -30.00
CA TRP C 193 16.93 -3.55 -30.34
C TRP C 193 17.32 -2.18 -29.84
N TYR C 194 17.03 -1.15 -30.64
CA TYR C 194 17.38 0.21 -30.27
C TYR C 194 16.28 1.16 -30.75
N ASN C 195 16.42 2.42 -30.35
CA ASN C 195 15.45 3.48 -30.68
C ASN C 195 14.04 3.14 -30.20
N HIS C 196 13.95 2.56 -29.00
CA HIS C 196 12.67 2.32 -28.36
C HIS C 196 11.88 3.60 -28.25
N LYS C 197 10.63 3.56 -28.70
CA LYS C 197 9.75 4.71 -28.63
C LYS C 197 8.32 4.24 -28.36
N ILE C 198 7.59 4.96 -27.52
CA ILE C 198 6.15 4.75 -27.39
C ILE C 198 5.45 5.30 -28.63
N ILE C 199 4.54 4.52 -29.22
CA ILE C 199 3.78 4.97 -30.38
C ILE C 199 2.29 5.14 -30.09
N MET C 200 1.74 4.53 -29.05
CA MET C 200 0.32 4.65 -28.76
C MET C 200 0.11 4.46 -27.26
N SER C 201 -0.82 5.21 -26.70
CA SER C 201 -1.07 5.22 -25.27
C SER C 201 -2.53 4.94 -24.96
N PRO C 202 -2.82 4.53 -23.73
CA PRO C 202 -4.23 4.43 -23.33
C PRO C 202 -4.86 5.81 -23.27
N LYS C 203 -6.19 5.82 -23.11
CA LYS C 203 -6.95 7.06 -23.02
C LYS C 203 -7.79 7.04 -21.75
N SER C 204 -7.51 7.99 -20.85
CA SER C 204 -8.22 8.05 -19.58
C SER C 204 -9.72 8.10 -19.80
N HIS C 205 -10.46 7.53 -18.85
CA HIS C 205 -11.91 7.60 -18.82
C HIS C 205 -12.55 7.05 -20.09
N THR C 206 -11.97 5.98 -20.64
CA THR C 206 -12.55 5.25 -21.77
C THR C 206 -12.45 3.77 -21.49
N TRP C 207 -12.91 2.96 -22.45
CA TRP C 207 -12.71 1.52 -22.41
C TRP C 207 -11.23 1.12 -22.49
N GLU C 208 -10.35 2.02 -22.89
CA GLU C 208 -8.96 1.63 -23.05
C GLU C 208 -8.08 2.50 -22.15
N SER C 209 -8.43 2.57 -20.86
CA SER C 209 -7.80 3.52 -19.95
C SER C 209 -6.68 2.92 -19.11
N LYS C 210 -6.74 1.62 -18.79
CA LYS C 210 -5.71 1.08 -17.90
C LYS C 210 -4.40 0.84 -18.65
N LYS C 211 -4.48 0.16 -19.79
CA LYS C 211 -3.30 -0.18 -20.57
C LYS C 211 -3.78 -0.66 -21.92
N ILE C 212 -2.87 -0.63 -22.89
CA ILE C 212 -3.13 -1.20 -24.20
C ILE C 212 -1.90 -2.03 -24.56
N GLY C 213 -2.12 -2.96 -25.50
CA GLY C 213 -1.05 -3.79 -26.02
C GLY C 213 -1.44 -4.24 -27.42
N ILE C 214 -0.44 -4.55 -28.24
CA ILE C 214 -0.78 -4.96 -29.59
C ILE C 214 -1.53 -6.28 -29.52
N ALA C 215 -2.44 -6.48 -30.49
CA ALA C 215 -3.08 -7.78 -30.66
C ALA C 215 -2.19 -8.63 -31.56
N GLY C 216 -2.66 -8.97 -32.77
CA GLY C 216 -1.79 -9.67 -33.71
C GLY C 216 -0.80 -8.72 -34.36
N PRO C 217 0.11 -9.29 -35.14
CA PRO C 217 1.04 -8.43 -35.90
C PRO C 217 0.29 -7.59 -36.90
N PRO C 218 0.75 -6.37 -37.15
CA PRO C 218 0.00 -5.47 -38.03
C PRO C 218 -0.15 -6.05 -39.43
N ILE C 219 -1.29 -5.76 -40.05
CA ILE C 219 -1.58 -6.27 -41.38
C ILE C 219 -1.32 -5.16 -42.37
N LYS C 220 -0.58 -5.46 -43.42
CA LYS C 220 -0.27 -4.47 -44.44
C LYS C 220 -1.52 -4.15 -45.24
N ARG C 221 -1.78 -2.86 -45.43
CA ARG C 221 -2.77 -2.35 -46.35
C ARG C 221 -2.11 -1.38 -47.31
N GLU C 222 -2.90 -0.91 -48.29
CA GLU C 222 -2.42 0.15 -49.17
C GLU C 222 -2.32 1.47 -48.42
N ASP C 223 -3.24 1.73 -47.49
CA ASP C 223 -3.25 3.00 -46.79
C ASP C 223 -2.43 2.99 -45.49
N GLY C 224 -1.67 1.93 -45.23
CA GLY C 224 -0.96 1.88 -43.98
C GLY C 224 -1.00 0.50 -43.37
N TRP C 225 -0.63 0.43 -42.09
CA TRP C 225 -0.53 -0.81 -41.35
C TRP C 225 -1.70 -0.91 -40.37
N LEU C 226 -2.53 -1.92 -40.55
CA LEU C 226 -3.67 -2.09 -39.65
C LEU C 226 -3.17 -2.67 -38.33
N LEU C 227 -3.36 -1.92 -37.25
CA LEU C 227 -2.92 -2.35 -35.93
C LEU C 227 -4.15 -2.60 -35.06
N ILE C 228 -4.58 -3.83 -35.00
CA ILE C 228 -5.54 -4.21 -33.99
C ILE C 228 -4.82 -4.31 -32.67
N TYR C 229 -5.46 -3.86 -31.60
CA TYR C 229 -4.85 -3.91 -30.29
C TYR C 229 -5.93 -4.26 -29.29
N HIS C 230 -5.52 -4.64 -28.09
CA HIS C 230 -6.48 -4.77 -27.01
C HIS C 230 -6.35 -3.58 -26.07
N GLY C 231 -7.49 -3.16 -25.54
CA GLY C 231 -7.55 -2.12 -24.53
C GLY C 231 -8.22 -2.66 -23.29
N VAL C 232 -7.84 -2.09 -22.15
CA VAL C 232 -8.26 -2.60 -20.86
C VAL C 232 -8.88 -1.44 -20.10
N ASP C 233 -10.12 -1.61 -19.64
CA ASP C 233 -10.73 -0.53 -18.87
C ASP C 233 -10.35 -0.65 -17.39
N ASN C 234 -10.86 0.27 -16.58
CA ASN C 234 -10.46 0.33 -15.17
C ASN C 234 -11.04 -0.81 -14.36
N ASN C 235 -11.93 -1.63 -14.94
CA ASN C 235 -12.34 -2.87 -14.30
C ASN C 235 -11.68 -4.09 -14.94
N ASN C 236 -10.65 -3.89 -15.75
CA ASN C 236 -9.88 -4.99 -16.31
C ASN C 236 -10.67 -5.77 -17.36
N VAL C 237 -11.67 -5.14 -17.98
CA VAL C 237 -12.31 -5.73 -19.14
C VAL C 237 -11.40 -5.59 -20.35
N TYR C 238 -11.27 -6.64 -21.14
CA TYR C 238 -10.42 -6.62 -22.32
C TYR C 238 -11.29 -6.53 -23.57
N ARG C 239 -11.01 -5.53 -24.40
CA ARG C 239 -11.67 -5.32 -25.68
C ARG C 239 -10.64 -5.09 -26.78
N LEU C 240 -11.07 -5.21 -28.03
CA LEU C 240 -10.18 -4.97 -29.17
C LEU C 240 -10.50 -3.62 -29.79
N GLY C 241 -9.45 -2.82 -30.06
CA GLY C 241 -9.54 -1.63 -30.86
C GLY C 241 -8.70 -1.79 -32.13
N VAL C 242 -8.74 -0.74 -32.97
CA VAL C 242 -7.93 -0.69 -34.18
C VAL C 242 -7.34 0.69 -34.37
N ALA C 243 -6.14 0.70 -34.93
CA ALA C 243 -5.48 1.90 -35.38
C ALA C 243 -4.86 1.61 -36.74
N LEU C 244 -4.45 2.68 -37.42
CA LEU C 244 -3.76 2.59 -38.69
C LEU C 244 -2.39 3.24 -38.55
N LEU C 245 -1.34 2.50 -38.90
CA LEU C 245 0.01 3.06 -38.87
C LEU C 245 0.43 3.52 -40.27
N ASP C 246 1.23 4.59 -40.31
CA ASP C 246 1.77 5.07 -41.57
C ASP C 246 2.55 3.97 -42.26
N LEU C 247 2.27 3.77 -43.54
CA LEU C 247 2.86 2.64 -44.26
C LEU C 247 4.38 2.73 -44.27
N LYS C 248 4.93 3.90 -44.54
CA LYS C 248 6.39 4.02 -44.64
C LYS C 248 7.05 4.20 -43.28
N ASP C 249 6.33 4.69 -42.28
CA ASP C 249 6.88 4.82 -40.94
C ASP C 249 5.87 4.31 -39.93
N PRO C 250 5.91 3.02 -39.59
CA PRO C 250 4.91 2.45 -38.67
C PRO C 250 4.97 3.00 -37.26
N SER C 251 5.93 3.85 -36.92
CA SER C 251 5.90 4.47 -35.61
C SER C 251 4.89 5.60 -35.51
N LYS C 252 4.34 6.06 -36.64
CA LYS C 252 3.37 7.14 -36.64
C LYS C 252 1.95 6.56 -36.80
N VAL C 253 1.10 6.85 -35.85
CA VAL C 253 -0.30 6.44 -35.91
C VAL C 253 -1.05 7.52 -36.68
N ILE C 254 -1.60 7.15 -37.84
CA ILE C 254 -2.30 8.12 -38.67
C ILE C 254 -3.79 8.08 -38.48
N ALA C 255 -4.32 7.04 -37.83
CA ALA C 255 -5.73 7.01 -37.49
C ALA C 255 -5.92 6.03 -36.35
N ARG C 256 -6.99 6.24 -35.61
CA ARG C 256 -7.29 5.35 -34.50
C ARG C 256 -8.77 5.47 -34.19
N GLN C 257 -9.46 4.34 -34.16
CA GLN C 257 -10.90 4.39 -33.96
C GLN C 257 -11.20 4.54 -32.48
N LYS C 258 -12.13 5.44 -32.18
CA LYS C 258 -12.49 5.75 -30.81
C LYS C 258 -13.12 4.54 -30.12
N GLU C 259 -13.98 3.81 -30.81
CA GLU C 259 -14.72 2.75 -30.17
C GLU C 259 -14.11 1.39 -30.50
N PRO C 260 -14.25 0.43 -29.58
CA PRO C 260 -13.69 -0.90 -29.80
C PRO C 260 -14.31 -1.55 -31.03
N ILE C 261 -13.59 -2.53 -31.59
CA ILE C 261 -14.10 -3.33 -32.71
C ILE C 261 -14.62 -4.68 -32.27
N LEU C 262 -14.39 -5.08 -31.04
CA LEU C 262 -14.89 -6.33 -30.49
C LEU C 262 -14.88 -6.18 -28.99
N GLU C 263 -15.88 -6.74 -28.31
CA GLU C 263 -15.90 -6.68 -26.86
C GLU C 263 -16.63 -7.91 -26.34
N PRO C 264 -16.45 -8.26 -25.08
CA PRO C 264 -17.18 -9.42 -24.55
C PRO C 264 -18.67 -9.18 -24.63
N GLU C 265 -19.38 -10.17 -25.22
CA GLU C 265 -20.81 -10.09 -25.46
C GLU C 265 -21.47 -11.45 -25.23
N LEU C 266 -20.90 -12.49 -25.82
CA LEU C 266 -21.45 -13.82 -25.68
C LEU C 266 -21.11 -14.38 -24.29
N ASP C 267 -21.92 -15.33 -23.85
CA ASP C 267 -21.73 -15.86 -22.51
C ASP C 267 -20.35 -16.47 -22.34
N TRP C 268 -19.84 -17.13 -23.37
CA TRP C 268 -18.51 -17.73 -23.25
C TRP C 268 -17.40 -16.72 -23.49
N GLU C 269 -17.73 -15.45 -23.72
CA GLU C 269 -16.75 -14.36 -23.69
C GLU C 269 -16.80 -13.60 -22.38
N ILE C 270 -17.99 -13.51 -21.80
CA ILE C 270 -18.17 -12.80 -20.55
C ILE C 270 -17.82 -13.69 -19.37
N ASN C 271 -18.26 -14.94 -19.38
CA ASN C 271 -17.99 -15.88 -18.32
C ASN C 271 -16.87 -16.82 -18.71
N GLY C 272 -16.05 -17.19 -17.73
CA GLY C 272 -14.98 -18.14 -17.97
C GLY C 272 -13.86 -17.96 -16.97
N LEU C 273 -12.73 -18.60 -17.29
CA LEU C 273 -11.59 -18.61 -16.36
C LEU C 273 -11.16 -17.19 -16.01
N VAL C 274 -11.21 -16.28 -16.97
CA VAL C 274 -11.01 -14.86 -16.66
C VAL C 274 -12.17 -14.12 -17.30
N PRO C 275 -13.18 -13.72 -16.52
CA PRO C 275 -14.37 -13.09 -17.10
C PRO C 275 -14.06 -11.80 -17.86
N ASN C 276 -14.92 -11.51 -18.85
CA ASN C 276 -14.92 -10.21 -19.55
C ASN C 276 -13.63 -10.00 -20.34
N VAL C 277 -13.29 -10.95 -21.21
CA VAL C 277 -12.08 -10.83 -22.02
C VAL C 277 -12.37 -11.27 -23.44
N VAL C 278 -12.02 -10.41 -24.41
CA VAL C 278 -11.67 -10.87 -25.76
C VAL C 278 -10.24 -10.42 -26.03
N PHE C 279 -9.44 -11.31 -26.62
CA PHE C 279 -8.01 -11.08 -26.73
C PHE C 279 -7.48 -11.79 -27.97
N SER C 280 -6.94 -11.02 -28.91
CA SER C 280 -6.45 -11.61 -30.16
C SER C 280 -4.92 -11.60 -30.19
N CYS C 281 -4.33 -12.71 -30.63
CA CYS C 281 -2.89 -12.79 -30.92
C CYS C 281 -2.61 -13.00 -32.38
N GLY C 282 -3.64 -12.91 -33.23
CA GLY C 282 -3.49 -13.26 -34.62
C GLY C 282 -4.69 -12.88 -35.46
N ALA C 283 -4.40 -12.41 -36.66
CA ALA C 283 -5.42 -12.09 -37.64
C ALA C 283 -4.79 -12.19 -39.02
N VAL C 284 -5.51 -12.80 -39.96
CA VAL C 284 -5.03 -12.91 -41.33
C VAL C 284 -6.06 -12.33 -42.27
N GLU C 285 -5.58 -11.96 -43.45
CA GLU C 285 -6.42 -11.51 -44.55
C GLU C 285 -6.59 -12.68 -45.51
N VAL C 286 -7.82 -13.12 -45.71
CA VAL C 286 -8.12 -14.18 -46.68
C VAL C 286 -9.29 -13.71 -47.51
N ASN C 287 -9.14 -13.77 -48.82
CA ASN C 287 -10.21 -13.35 -49.75
C ASN C 287 -10.82 -12.01 -49.33
N ASP C 288 -9.96 -11.01 -49.15
CA ASP C 288 -10.35 -9.61 -48.89
C ASP C 288 -11.16 -9.48 -47.61
N MET C 289 -10.95 -10.40 -46.67
CA MET C 289 -11.56 -10.35 -45.37
C MET C 289 -10.48 -10.53 -44.31
N TYR C 290 -10.59 -9.79 -43.21
CA TYR C 290 -9.73 -10.03 -42.06
C TYR C 290 -10.40 -11.06 -41.15
N TYR C 291 -9.72 -12.19 -40.93
CA TYR C 291 -10.14 -13.17 -39.94
C TYR C 291 -9.39 -12.86 -38.65
N VAL C 292 -10.11 -12.49 -37.59
CA VAL C 292 -9.51 -12.14 -36.31
C VAL C 292 -9.86 -13.23 -35.31
N TYR C 293 -8.85 -14.03 -34.93
CA TYR C 293 -9.03 -15.05 -33.91
C TYR C 293 -8.78 -14.46 -32.53
N TYR C 294 -9.62 -14.85 -31.59
CA TYR C 294 -9.54 -14.24 -30.28
C TYR C 294 -9.80 -15.27 -29.19
N GLY C 295 -9.00 -15.17 -28.13
CA GLY C 295 -9.35 -15.82 -26.89
C GLY C 295 -10.60 -15.20 -26.31
N ALA C 296 -11.44 -16.04 -25.72
CA ALA C 296 -12.68 -15.58 -25.08
C ALA C 296 -12.61 -15.95 -23.61
N ALA C 297 -12.60 -14.96 -22.74
CA ALA C 297 -12.56 -15.19 -21.29
C ALA C 297 -11.39 -16.10 -20.91
N ASP C 298 -10.31 -16.03 -21.67
CA ASP C 298 -9.12 -16.88 -21.46
C ASP C 298 -9.49 -18.35 -21.38
N THR C 299 -10.57 -18.75 -22.05
CA THR C 299 -11.04 -20.12 -21.96
C THR C 299 -11.24 -20.78 -23.31
N HIS C 300 -11.80 -20.07 -24.30
CA HIS C 300 -12.06 -20.62 -25.62
C HIS C 300 -11.48 -19.68 -26.68
N ILE C 301 -11.53 -20.14 -27.93
CA ILE C 301 -11.14 -19.32 -29.07
C ILE C 301 -12.34 -19.11 -29.95
N GLY C 302 -12.58 -17.85 -30.32
CA GLY C 302 -13.55 -17.48 -31.31
C GLY C 302 -12.86 -16.83 -32.50
N VAL C 303 -13.67 -16.56 -33.52
CA VAL C 303 -13.20 -15.86 -34.70
C VAL C 303 -14.26 -14.85 -35.08
N ALA C 304 -13.81 -13.67 -35.47
CA ALA C 304 -14.70 -12.63 -35.98
C ALA C 304 -14.04 -12.07 -37.23
N VAL C 305 -14.85 -11.44 -38.09
CA VAL C 305 -14.37 -11.01 -39.39
C VAL C 305 -14.78 -9.57 -39.68
N ILE C 306 -14.10 -8.99 -40.64
CA ILE C 306 -14.54 -7.75 -41.26
C ILE C 306 -14.02 -7.72 -42.69
N GLU C 307 -14.88 -7.29 -43.60
CA GLU C 307 -14.47 -7.06 -44.97
C GLU C 307 -13.40 -5.97 -45.03
N LYS C 308 -12.36 -6.23 -45.81
CA LYS C 308 -11.25 -5.29 -45.97
C LYS C 308 -11.73 -3.89 -46.32
N GLU C 309 -12.75 -3.79 -47.18
CA GLU C 309 -13.21 -2.50 -47.66
C GLU C 309 -13.96 -1.71 -46.59
N LYS C 310 -14.40 -2.36 -45.51
CA LYS C 310 -15.10 -1.63 -44.45
C LYS C 310 -14.15 -0.98 -43.45
N VAL C 311 -12.84 -1.18 -43.59
CA VAL C 311 -11.86 -0.57 -42.70
C VAL C 311 -11.67 0.88 -43.10
N LYS C 312 -12.43 1.78 -42.49
CA LYS C 312 -12.42 3.19 -42.84
C LYS C 312 -12.32 4.01 -41.56
N PHE C 313 -11.43 4.99 -41.57
CA PHE C 313 -11.26 5.82 -40.38
C PHE C 313 -11.76 7.26 -40.59
N MET D 12 -5.92 17.24 37.96
CA MET D 12 -4.78 17.00 37.07
C MET D 12 -3.45 17.28 37.80
N PHE D 13 -2.41 16.49 37.52
CA PHE D 13 -1.08 16.80 38.01
C PHE D 13 -0.05 16.56 36.92
N ARG D 14 1.16 17.05 37.15
CA ARG D 14 2.19 17.10 36.11
C ARG D 14 3.55 16.98 36.76
N LEU D 15 4.53 16.54 35.99
CA LEU D 15 5.89 16.57 36.48
C LEU D 15 6.45 17.98 36.33
N THR D 16 7.48 18.29 37.11
CA THR D 16 8.17 19.57 37.04
C THR D 16 9.64 19.29 36.79
N ARG D 17 10.16 19.84 35.70
CA ARG D 17 11.57 19.65 35.38
C ARG D 17 12.44 20.24 36.48
N LEU D 18 13.58 19.60 36.73
CA LEU D 18 14.54 20.13 37.69
C LEU D 18 15.49 21.12 37.04
N SER D 19 15.72 20.99 35.74
CA SER D 19 16.66 21.81 35.00
C SER D 19 16.04 22.19 33.66
N ASN D 20 16.26 23.43 33.24
CA ASN D 20 15.83 23.83 31.90
C ASN D 20 16.85 23.42 30.83
N LYS D 21 17.93 22.75 31.21
CA LYS D 21 18.91 22.20 30.29
C LYS D 21 19.10 20.73 30.60
N PRO D 22 19.59 19.95 29.65
CA PRO D 22 19.83 18.53 29.91
C PRO D 22 20.72 18.32 31.13
N ILE D 23 20.56 17.13 31.72
CA ILE D 23 21.49 16.65 32.73
C ILE D 23 22.51 15.68 32.14
N LEU D 24 22.21 15.07 31.00
CA LEU D 24 23.21 14.31 30.27
C LEU D 24 23.06 14.65 28.80
N SER D 25 24.19 14.76 28.11
CA SER D 25 24.19 15.06 26.69
C SER D 25 25.25 14.19 26.03
N PRO D 26 25.17 14.03 24.71
CA PRO D 26 26.17 13.18 24.04
C PRO D 26 27.58 13.73 24.25
N ILE D 27 28.55 12.88 23.95
CA ILE D 27 29.97 13.22 24.02
C ILE D 27 30.56 12.84 22.68
N LYS D 28 30.77 13.84 21.80
CA LYS D 28 31.21 13.54 20.44
C LYS D 28 32.54 12.79 20.43
N GLU D 29 33.34 12.91 21.49
CA GLU D 29 34.63 12.23 21.58
C GLU D 29 34.49 10.72 21.79
N HIS D 30 33.35 10.26 22.29
CA HIS D 30 33.13 8.83 22.51
C HIS D 30 32.25 8.29 21.40
N GLU D 31 32.81 7.36 20.58
CA GLU D 31 32.06 6.83 19.44
C GLU D 31 30.69 6.31 19.87
N TRP D 32 30.62 5.63 21.01
CA TRP D 32 29.38 4.94 21.36
C TRP D 32 28.28 5.90 21.81
N GLU D 33 28.63 7.06 22.37
CA GLU D 33 27.62 8.01 22.82
C GLU D 33 27.79 9.35 22.10
N LYS D 34 28.26 9.27 20.85
CA LYS D 34 28.65 10.44 20.08
C LYS D 34 27.46 11.34 19.78
N GLU D 35 26.32 10.76 19.45
CA GLU D 35 25.20 11.50 18.91
C GLU D 35 24.01 11.60 19.85
N ALA D 36 23.80 10.63 20.73
CA ALA D 36 22.61 10.68 21.55
C ALA D 36 22.82 9.91 22.83
N VAL D 37 22.28 10.45 23.92
CA VAL D 37 22.07 9.70 25.15
C VAL D 37 20.65 9.98 25.62
N PHE D 38 19.88 8.92 25.84
CA PHE D 38 18.47 9.10 26.14
C PHE D 38 17.92 7.81 26.77
N ASN D 39 16.58 7.77 26.89
CA ASN D 39 15.78 6.63 27.32
C ASN D 39 16.53 5.74 28.32
N ALA D 40 16.52 6.13 29.59
CA ALA D 40 17.45 5.56 30.56
C ALA D 40 16.71 4.88 31.72
N ALA D 41 17.19 3.70 32.10
CA ALA D 41 16.74 3.07 33.33
C ALA D 41 17.44 3.71 34.51
N VAL D 42 16.75 3.74 35.65
CA VAL D 42 17.34 4.26 36.88
C VAL D 42 16.92 3.37 38.03
N ILE D 43 17.85 3.14 38.95
CA ILE D 43 17.57 2.48 40.21
C ILE D 43 18.29 3.22 41.32
N TYR D 44 17.62 3.38 42.46
CA TYR D 44 18.15 4.12 43.61
C TYR D 44 18.58 3.13 44.69
N GLU D 45 19.89 2.87 44.77
CA GLU D 45 20.48 1.95 45.74
C GLU D 45 21.71 2.57 46.37
N GLY D 46 21.85 2.38 47.68
CA GLY D 46 22.98 2.96 48.39
C GLY D 46 22.97 4.47 48.39
N ASN D 47 21.78 5.07 48.40
CA ASN D 47 21.62 6.52 48.35
C ASN D 47 22.36 7.13 47.15
N LYS D 48 22.44 6.35 46.07
CA LYS D 48 22.92 6.82 44.79
C LYS D 48 21.85 6.58 43.71
N PHE D 49 21.75 7.51 42.77
CA PHE D 49 20.98 7.32 41.54
C PHE D 49 21.87 6.60 40.53
N HIS D 50 21.53 5.35 40.21
CA HIS D 50 22.24 4.60 39.18
C HIS D 50 21.44 4.69 37.88
N LEU D 51 22.00 5.39 36.90
CA LEU D 51 21.34 5.65 35.62
C LEU D 51 21.98 4.76 34.56
N PHE D 52 21.15 4.08 33.79
CA PHE D 52 21.62 3.22 32.71
C PHE D 52 20.99 3.74 31.43
N TYR D 53 21.77 4.44 30.61
CA TYR D 53 21.21 5.24 29.54
C TYR D 53 21.51 4.63 28.17
N ARG D 54 20.54 4.75 27.27
CA ARG D 54 20.76 4.42 25.88
C ARG D 54 21.63 5.49 25.25
N ALA D 55 22.56 5.05 24.42
CA ALA D 55 23.44 5.97 23.73
C ALA D 55 23.61 5.52 22.30
N SER D 56 23.59 6.47 21.37
CA SER D 56 23.74 6.16 19.96
C SER D 56 25.01 6.77 19.39
N ASN D 57 25.67 5.99 18.52
CA ASN D 57 26.81 6.46 17.77
C ASN D 57 26.42 7.29 16.56
N ASN D 58 25.14 7.42 16.26
CA ASN D 58 24.75 8.01 14.99
C ASN D 58 23.35 8.61 15.12
N LYS D 59 22.98 9.43 14.13
CA LYS D 59 21.63 9.95 13.99
C LYS D 59 20.67 8.83 13.58
N PHE D 60 19.37 9.15 13.57
CA PHE D 60 18.31 8.15 13.38
C PHE D 60 17.53 8.41 12.09
N VAL D 61 17.98 7.84 10.99
CA VAL D 61 17.19 7.76 9.77
C VAL D 61 16.16 6.65 9.95
N LEU D 62 14.88 7.00 10.00
CA LEU D 62 13.83 6.03 10.24
C LEU D 62 12.86 5.86 9.09
N ASN D 63 12.98 6.66 8.03
CA ASN D 63 11.95 6.69 7.00
C ASN D 63 12.25 5.80 5.79
N THR D 64 13.32 5.02 5.82
CA THR D 64 13.57 4.07 4.73
C THR D 64 12.63 2.86 4.84
N GLU D 65 12.47 2.16 3.71
CA GLU D 65 11.65 0.95 3.67
C GLU D 65 12.21 -0.12 4.60
N LYS D 66 13.52 -0.25 4.66
CA LYS D 66 14.19 -1.16 5.58
C LYS D 66 15.28 -0.37 6.28
N PRO D 67 15.75 -0.84 7.43
CA PRO D 67 16.99 -0.29 7.98
C PRO D 67 18.14 -0.54 7.03
N GLU D 68 18.93 0.51 6.76
CA GLU D 68 19.97 0.48 5.75
C GLU D 68 21.33 0.57 6.40
N GLU D 69 22.27 -0.28 5.97
CA GLU D 69 23.60 -0.29 6.56
C GLU D 69 24.24 1.09 6.48
N LYS D 70 23.99 1.80 5.38
CA LYS D 70 24.57 3.12 5.20
C LYS D 70 24.08 4.11 6.26
N TYR D 71 22.95 3.83 6.90
CA TYR D 71 22.38 4.69 7.93
C TYR D 71 22.32 3.96 9.27
N LYS D 72 23.17 2.96 9.44
CA LYS D 72 23.13 2.16 10.66
C LYS D 72 23.45 3.00 11.87
N PHE D 73 22.64 2.86 12.91
CA PHE D 73 22.98 3.35 14.23
C PHE D 73 23.09 2.17 15.18
N VAL D 74 23.97 2.31 16.17
CA VAL D 74 24.21 1.29 17.18
C VAL D 74 23.94 1.91 18.53
N SER D 75 22.99 1.35 19.27
CA SER D 75 22.75 1.77 20.64
C SER D 75 23.59 0.94 21.61
N SER D 76 24.08 1.61 22.65
CA SER D 76 24.71 0.93 23.77
C SER D 76 24.10 1.48 25.05
N ILE D 77 24.32 0.77 26.16
CA ILE D 77 23.88 1.23 27.47
C ILE D 77 25.07 1.79 28.22
N GLY D 78 24.95 3.05 28.66
CA GLY D 78 25.98 3.67 29.47
C GLY D 78 25.55 3.77 30.91
N TYR D 79 26.53 3.91 31.81
CA TYR D 79 26.28 3.99 33.24
C TYR D 79 26.65 5.38 33.73
N ALA D 80 25.78 5.94 34.56
CA ALA D 80 26.08 7.20 35.22
C ALA D 80 25.48 7.16 36.61
N VAL D 81 26.14 7.83 37.55
CA VAL D 81 25.78 7.77 38.96
C VAL D 81 25.71 9.18 39.50
N SER D 82 24.79 9.40 40.42
CA SER D 82 24.61 10.72 41.02
C SER D 82 24.18 10.56 42.47
N GLU D 83 24.47 11.59 43.28
CA GLU D 83 24.01 11.65 44.65
C GLU D 83 22.78 12.52 44.82
N ASP D 84 22.63 13.54 43.98
CA ASP D 84 21.49 14.45 44.07
C ASP D 84 20.50 14.26 42.93
N GLY D 85 20.72 13.29 42.05
CA GLY D 85 19.84 13.05 40.93
C GLY D 85 20.00 14.01 39.75
N ILE D 86 20.92 14.97 39.85
CA ILE D 86 21.06 16.00 38.81
C ILE D 86 22.43 15.93 38.19
N ASN D 87 23.48 16.03 39.01
CA ASN D 87 24.83 15.97 38.52
C ASN D 87 25.30 14.52 38.56
N PHE D 88 25.72 14.01 37.40
CA PHE D 88 26.09 12.61 37.26
C PHE D 88 27.55 12.50 36.87
N GLU D 89 28.23 11.50 37.43
CA GLU D 89 29.55 11.11 36.93
C GLU D 89 29.34 10.07 35.83
N ARG D 90 30.18 10.14 34.79
CA ARG D 90 30.03 9.28 33.62
C ARG D 90 31.34 8.57 33.34
N PHE D 91 31.31 7.67 32.37
CA PHE D 91 32.45 6.81 32.11
C PHE D 91 32.64 6.70 30.61
N ASP D 92 33.86 6.42 30.17
CA ASP D 92 34.14 6.54 28.75
C ASP D 92 33.88 5.26 27.99
N LYS D 93 33.41 4.21 28.67
CA LYS D 93 33.03 2.99 27.99
C LYS D 93 31.65 2.55 28.49
N PRO D 94 30.84 1.97 27.61
CA PRO D 94 29.51 1.53 28.03
C PRO D 94 29.54 0.21 28.79
N VAL D 95 28.49 -0.01 29.58
CA VAL D 95 28.35 -1.22 30.37
C VAL D 95 27.68 -2.36 29.62
N LEU D 96 26.90 -2.06 28.58
CA LEU D 96 26.21 -3.10 27.82
C LEU D 96 26.21 -2.75 26.35
N VAL D 97 26.54 -3.73 25.51
CA VAL D 97 26.49 -3.61 24.06
C VAL D 97 25.93 -4.89 23.48
N GLY D 98 25.57 -4.84 22.20
CA GLY D 98 25.10 -6.01 21.49
C GLY D 98 26.13 -7.11 21.34
N GLU D 99 25.79 -8.33 21.78
CA GLU D 99 26.68 -9.48 21.68
C GLU D 99 26.13 -10.61 20.80
N ILE D 100 24.96 -10.45 20.19
CA ILE D 100 24.40 -11.45 19.29
C ILE D 100 23.85 -10.76 18.04
N PRO D 101 23.53 -11.50 16.98
CA PRO D 101 23.00 -10.84 15.76
C PRO D 101 21.68 -10.12 15.97
N GLN D 102 20.86 -10.56 16.93
CA GLN D 102 19.64 -9.81 17.24
C GLN D 102 19.94 -8.42 17.79
N GLU D 103 21.18 -8.19 18.25
CA GLU D 103 21.58 -6.88 18.74
C GLU D 103 22.59 -6.22 17.80
N ALA D 104 22.53 -6.57 16.51
CA ALA D 104 23.43 -5.98 15.53
C ALA D 104 23.39 -4.46 15.58
N TRP D 105 22.21 -3.87 15.73
CA TRP D 105 22.12 -2.43 15.86
C TRP D 105 22.03 -1.99 17.32
N GLY D 106 22.41 -2.84 18.25
CA GLY D 106 22.57 -2.43 19.63
C GLY D 106 21.38 -2.78 20.51
N VAL D 107 21.40 -2.18 21.69
CA VAL D 107 20.49 -2.52 22.77
C VAL D 107 19.89 -1.23 23.29
N GLU D 108 18.55 -1.19 23.39
CA GLU D 108 17.81 0.06 23.52
C GLU D 108 16.91 0.07 24.75
N ASP D 109 16.66 1.29 25.26
CA ASP D 109 15.55 1.56 26.18
C ASP D 109 15.48 0.62 27.38
N PRO D 110 16.50 0.57 28.21
CA PRO D 110 16.50 -0.40 29.30
C PRO D 110 15.51 -0.02 30.40
N ARG D 111 14.83 -1.04 30.93
CA ARG D 111 14.05 -0.91 32.16
C ARG D 111 14.62 -1.92 33.15
N ILE D 112 15.03 -1.42 34.31
CA ILE D 112 15.65 -2.27 35.32
C ILE D 112 14.68 -2.45 36.48
N THR D 113 14.51 -3.68 36.90
CA THR D 113 13.68 -4.03 38.04
C THR D 113 14.47 -4.94 38.96
N LYS D 114 14.36 -4.69 40.27
CA LYS D 114 14.93 -5.55 41.29
C LYS D 114 13.84 -6.46 41.84
N ILE D 115 14.11 -7.76 41.85
CA ILE D 115 13.22 -8.75 42.42
C ILE D 115 14.11 -9.73 43.19
N ASP D 116 13.97 -9.77 44.52
CA ASP D 116 14.66 -10.76 45.36
C ASP D 116 16.18 -10.60 45.28
N ASN D 117 16.64 -9.36 45.38
CA ASN D 117 18.08 -9.07 45.40
C ASN D 117 18.79 -9.56 44.14
N LYS D 118 18.08 -9.56 43.02
CA LYS D 118 18.68 -9.66 41.71
C LYS D 118 18.14 -8.50 40.88
N TYR D 119 19.00 -7.90 40.09
CA TYR D 119 18.61 -6.80 39.22
C TYR D 119 18.39 -7.32 37.81
N TYR D 120 17.23 -7.01 37.24
CA TYR D 120 16.86 -7.45 35.91
C TYR D 120 16.74 -6.25 34.99
N MET D 121 17.47 -6.29 33.88
CA MET D 121 17.43 -5.24 32.87
C MET D 121 16.78 -5.79 31.61
N LEU D 122 15.61 -5.25 31.29
CA LEU D 122 14.91 -5.61 30.07
C LEU D 122 15.14 -4.50 29.07
N TYR D 123 15.50 -4.86 27.85
CA TYR D 123 15.83 -3.86 26.85
C TYR D 123 15.43 -4.42 25.49
N THR D 124 15.47 -3.55 24.49
CA THR D 124 15.17 -3.94 23.11
C THR D 124 16.48 -4.24 22.39
N GLY D 125 16.59 -5.47 21.89
CA GLY D 125 17.66 -5.82 20.96
C GLY D 125 17.16 -5.56 19.55
N PHE D 126 17.90 -4.75 18.79
CA PHE D 126 17.51 -4.40 17.43
C PHE D 126 18.55 -4.96 16.46
N GLY D 127 18.12 -5.87 15.59
CA GLY D 127 19.03 -6.49 14.64
C GLY D 127 19.24 -5.75 13.33
N GLY D 128 18.39 -4.78 13.00
CA GLY D 128 18.55 -3.99 11.80
C GLY D 128 18.20 -4.68 10.50
N ARG D 129 17.69 -5.91 10.54
CA ARG D 129 17.39 -6.61 9.28
C ARG D 129 16.09 -6.13 8.66
N ASP D 130 15.15 -5.66 9.47
CA ASP D 130 13.96 -4.96 8.99
C ASP D 130 13.40 -4.21 10.19
N TRP D 131 12.38 -3.38 9.94
CA TRP D 131 11.94 -2.52 11.03
C TRP D 131 11.17 -3.26 12.11
N LEU D 132 10.82 -4.53 11.91
CA LEU D 132 10.25 -5.34 12.98
C LEU D 132 11.29 -6.25 13.63
N ASP D 133 12.55 -6.12 13.25
CA ASP D 133 13.62 -6.98 13.75
C ASP D 133 14.08 -6.53 15.14
N PHE D 134 13.13 -6.42 16.06
CA PHE D 134 13.46 -6.09 17.44
C PHE D 134 12.79 -7.07 18.41
N ARG D 135 13.45 -7.28 19.54
CA ARG D 135 13.05 -8.25 20.54
C ARG D 135 13.27 -7.70 21.93
N ILE D 136 12.33 -7.93 22.84
CA ILE D 136 12.63 -7.77 24.26
C ILE D 136 13.73 -8.75 24.67
N CYS D 137 14.79 -8.23 25.26
CA CYS D 137 15.84 -9.06 25.80
C CYS D 137 16.05 -8.75 27.29
N MET D 138 16.72 -9.68 27.97
CA MET D 138 16.92 -9.55 29.40
C MET D 138 18.34 -9.96 29.76
N VAL D 139 18.96 -9.17 30.62
CA VAL D 139 20.12 -9.63 31.38
C VAL D 139 19.78 -9.40 32.85
N TRP D 140 20.58 -10.02 33.71
CA TRP D 140 20.37 -9.90 35.13
C TRP D 140 21.72 -9.88 35.81
N SER D 141 21.76 -9.33 37.03
CA SER D 141 23.00 -9.27 37.77
C SER D 141 22.70 -9.25 39.27
N ASP D 142 23.67 -9.72 40.06
CA ASP D 142 23.60 -9.59 41.51
C ASP D 142 23.90 -8.17 41.98
N ASP D 143 24.60 -7.39 41.16
CA ASP D 143 25.38 -6.26 41.66
C ASP D 143 25.25 -4.98 40.86
N LEU D 144 24.41 -4.94 39.83
CA LEU D 144 24.30 -3.81 38.90
C LEU D 144 25.56 -3.62 38.06
N LYS D 145 26.50 -4.56 38.11
CA LYS D 145 27.80 -4.44 37.49
C LYS D 145 28.07 -5.55 36.47
N ASN D 146 27.80 -6.80 36.82
CA ASN D 146 28.15 -7.95 35.99
C ASN D 146 26.89 -8.59 35.43
N TRP D 147 26.54 -8.20 34.21
CA TRP D 147 25.30 -8.64 33.59
C TRP D 147 25.50 -9.97 32.89
N LYS D 148 24.53 -10.86 33.08
CA LYS D 148 24.64 -12.25 32.65
C LYS D 148 23.32 -12.69 32.04
N GLY D 149 23.35 -13.91 31.50
CA GLY D 149 22.14 -14.63 31.16
C GLY D 149 21.29 -13.91 30.13
N HIS D 150 21.93 -13.38 29.08
CA HIS D 150 21.18 -12.75 28.02
C HIS D 150 20.11 -13.71 27.49
N ARG D 151 18.93 -13.19 27.20
CA ARG D 151 17.88 -14.05 26.70
C ARG D 151 16.83 -13.21 25.99
N ILE D 152 16.27 -13.76 24.91
CA ILE D 152 15.09 -13.19 24.27
C ILE D 152 13.89 -13.56 25.13
N VAL D 153 13.13 -12.55 25.57
CA VAL D 153 12.01 -12.80 26.49
C VAL D 153 10.80 -13.33 25.73
N LEU D 154 10.42 -12.67 24.64
CA LEU D 154 9.36 -13.14 23.77
C LEU D 154 9.89 -13.17 22.34
N ASP D 155 9.63 -14.26 21.64
CA ASP D 155 10.13 -14.40 20.26
C ASP D 155 9.11 -13.81 19.29
N GLU D 156 9.04 -12.49 19.31
CA GLU D 156 8.04 -11.76 18.56
C GLU D 156 8.47 -10.30 18.56
N PRO D 157 8.09 -9.53 17.56
CA PRO D 157 8.44 -8.10 17.58
C PRO D 157 7.73 -7.40 18.71
N ASN D 158 8.49 -6.96 19.71
CA ASN D 158 7.89 -6.48 20.94
C ASN D 158 8.93 -5.64 21.68
N LYS D 159 8.45 -4.76 22.55
CA LYS D 159 9.33 -3.85 23.27
C LYS D 159 8.55 -3.20 24.40
N ASP D 160 9.05 -2.07 24.92
CA ASP D 160 8.40 -1.39 26.04
C ASP D 160 8.11 -2.38 27.16
N ALA D 161 9.15 -3.12 27.55
CA ALA D 161 8.98 -4.21 28.50
C ALA D 161 9.56 -3.82 29.86
N ALA D 162 8.88 -4.25 30.92
CA ALA D 162 9.36 -4.06 32.27
C ALA D 162 8.82 -5.19 33.13
N LEU D 163 9.64 -5.66 34.08
CA LEU D 163 9.20 -6.59 35.09
C LEU D 163 8.64 -5.82 36.29
N LEU D 164 7.58 -6.37 36.89
CA LEU D 164 7.12 -5.86 38.18
C LEU D 164 8.15 -6.18 39.28
N SER D 165 8.30 -5.26 40.24
CA SER D 165 9.30 -5.42 41.31
C SER D 165 8.94 -6.49 42.33
N GLU D 166 7.77 -7.11 42.19
CA GLU D 166 7.32 -8.16 43.09
C GLU D 166 6.60 -9.23 42.29
N LYS D 167 6.55 -10.42 42.88
CA LYS D 167 5.71 -11.46 42.32
C LYS D 167 4.26 -11.28 42.77
N ILE D 168 3.33 -11.70 41.93
CA ILE D 168 1.91 -11.74 42.25
C ILE D 168 1.49 -13.20 42.26
N ASN D 169 1.05 -13.70 43.42
CA ASN D 169 0.64 -15.10 43.54
C ASN D 169 1.78 -16.03 43.11
N GLY D 170 3.01 -15.65 43.44
CA GLY D 170 4.14 -16.47 43.09
C GLY D 170 4.63 -16.34 41.65
N LYS D 171 4.02 -15.47 40.86
CA LYS D 171 4.30 -15.32 39.44
C LYS D 171 5.06 -14.02 39.18
N TYR D 172 6.05 -14.10 38.27
CA TYR D 172 6.66 -12.90 37.72
C TYR D 172 5.66 -12.20 36.81
N VAL D 173 5.68 -10.88 36.82
CA VAL D 173 4.75 -10.07 36.04
C VAL D 173 5.54 -9.27 35.01
N LEU D 174 5.18 -9.44 33.74
CA LEU D 174 5.82 -8.72 32.64
C LEU D 174 4.83 -7.75 32.01
N PHE D 175 5.25 -6.51 31.83
CA PHE D 175 4.53 -5.56 30.99
C PHE D 175 5.18 -5.51 29.63
N HIS D 176 4.37 -5.54 28.57
CA HIS D 176 4.97 -5.42 27.25
C HIS D 176 4.00 -4.69 26.34
N ARG D 177 4.29 -4.69 25.04
CA ARG D 177 3.56 -3.83 24.12
C ARG D 177 3.51 -4.51 22.75
N ARG D 178 2.62 -5.49 22.64
CA ARG D 178 2.08 -5.82 21.34
C ARG D 178 1.24 -4.64 20.87
N MET D 179 1.57 -4.13 19.69
CA MET D 179 0.96 -2.90 19.19
C MET D 179 -0.56 -2.99 19.22
N PRO D 180 -1.27 -1.90 19.59
CA PRO D 180 -0.67 -0.66 20.07
C PRO D 180 -0.94 -0.48 21.56
N ASP D 181 -1.13 -1.59 22.28
CA ASP D 181 -1.60 -1.58 23.66
C ASP D 181 -0.48 -1.95 24.62
N ILE D 182 -0.71 -1.62 25.90
CA ILE D 182 0.13 -2.15 26.98
C ILE D 182 -0.44 -3.50 27.40
N TRP D 183 0.39 -4.53 27.32
CA TRP D 183 0.02 -5.90 27.70
C TRP D 183 0.62 -6.26 29.06
N ILE D 184 0.01 -7.27 29.69
CA ILE D 184 0.59 -7.94 30.85
C ILE D 184 0.72 -9.43 30.54
N ALA D 185 1.72 -10.06 31.16
CA ALA D 185 1.84 -11.51 31.04
C ALA D 185 2.45 -12.05 32.33
N TYR D 186 2.37 -13.37 32.51
CA TYR D 186 2.77 -14.00 33.75
C TYR D 186 3.73 -15.15 33.47
N SER D 187 4.63 -15.40 34.42
CA SER D 187 5.59 -16.48 34.28
C SER D 187 5.85 -17.16 35.62
N ASP D 188 5.99 -18.49 35.58
CA ASP D 188 6.46 -19.24 36.74
C ASP D 188 7.96 -19.12 36.91
N ASP D 189 8.71 -18.91 35.80
CA ASP D 189 10.13 -19.21 35.81
C ASP D 189 10.99 -18.16 35.11
N LEU D 190 10.41 -17.03 34.68
CA LEU D 190 11.03 -15.97 33.88
C LEU D 190 11.37 -16.42 32.46
N VAL D 191 10.99 -17.63 32.07
CA VAL D 191 11.30 -18.17 30.75
C VAL D 191 10.05 -18.23 29.89
N ASN D 192 8.99 -18.83 30.41
CA ASN D 192 7.77 -19.06 29.65
C ASN D 192 6.70 -18.11 30.14
N TRP D 193 6.15 -17.31 29.22
CA TRP D 193 5.15 -16.33 29.58
C TRP D 193 3.79 -16.81 29.10
N TYR D 194 2.76 -16.49 29.87
CA TYR D 194 1.43 -16.99 29.58
C TYR D 194 0.39 -16.05 30.16
N ASN D 195 -0.87 -16.31 29.79
CA ASN D 195 -2.00 -15.45 30.15
C ASN D 195 -1.73 -14.01 29.75
N HIS D 196 -1.17 -13.83 28.55
CA HIS D 196 -1.07 -12.49 27.99
C HIS D 196 -2.43 -11.85 27.90
N LYS D 197 -2.52 -10.58 28.31
CA LYS D 197 -3.74 -9.83 28.02
C LYS D 197 -3.44 -8.34 27.94
N ILE D 198 -4.36 -7.65 27.29
CA ILE D 198 -4.29 -6.20 27.16
C ILE D 198 -4.81 -5.59 28.44
N ILE D 199 -4.03 -4.70 29.04
CA ILE D 199 -4.48 -4.02 30.24
C ILE D 199 -4.79 -2.55 30.01
N MET D 200 -4.29 -1.95 28.92
CA MET D 200 -4.55 -0.54 28.67
C MET D 200 -4.37 -0.26 27.19
N SER D 201 -5.19 0.64 26.66
CA SER D 201 -5.25 0.88 25.23
C SER D 201 -5.13 2.37 24.96
N PRO D 202 -4.74 2.75 23.74
CA PRO D 202 -4.79 4.17 23.35
C PRO D 202 -6.22 4.69 23.38
N LYS D 203 -6.35 6.00 23.38
CA LYS D 203 -7.64 6.66 23.30
C LYS D 203 -7.65 7.49 22.03
N SER D 204 -8.54 7.16 21.11
CA SER D 204 -8.49 7.79 19.81
C SER D 204 -8.88 9.27 19.94
N HIS D 205 -8.35 10.08 19.02
CA HIS D 205 -8.61 11.52 19.01
C HIS D 205 -8.07 12.21 20.25
N THR D 206 -6.93 11.74 20.76
CA THR D 206 -6.28 12.41 21.88
C THR D 206 -4.78 12.37 21.65
N TRP D 207 -4.05 12.98 22.58
CA TRP D 207 -2.60 12.91 22.54
C TRP D 207 -2.10 11.48 22.57
N GLU D 208 -2.91 10.54 23.04
CA GLU D 208 -2.49 9.15 23.16
C GLU D 208 -3.27 8.25 22.21
N SER D 209 -3.35 8.65 20.94
CA SER D 209 -4.23 7.98 19.99
C SER D 209 -3.54 6.85 19.21
N LYS D 210 -2.24 6.94 19.01
CA LYS D 210 -1.62 6.01 18.07
C LYS D 210 -1.16 4.74 18.76
N LYS D 211 -0.44 4.89 19.86
CA LYS D 211 -0.01 3.73 20.63
C LYS D 211 0.40 4.23 22.00
N ILE D 212 0.48 3.29 22.94
CA ILE D 212 0.96 3.56 24.28
C ILE D 212 1.91 2.43 24.66
N GLY D 213 2.81 2.76 25.57
CA GLY D 213 3.78 1.80 26.07
C GLY D 213 4.16 2.22 27.48
N ILE D 214 4.49 1.22 28.31
CA ILE D 214 4.94 1.54 29.66
C ILE D 214 6.17 2.42 29.60
N ALA D 215 6.30 3.29 30.60
CA ALA D 215 7.54 4.03 30.78
C ALA D 215 8.47 3.16 31.62
N GLY D 216 8.88 3.64 32.79
CA GLY D 216 9.65 2.82 33.70
C GLY D 216 8.79 1.73 34.33
N PRO D 217 9.42 0.83 35.08
CA PRO D 217 8.65 -0.16 35.85
C PRO D 217 7.73 0.52 36.83
N PRO D 218 6.54 -0.02 37.05
CA PRO D 218 5.60 0.60 37.99
C PRO D 218 6.21 0.73 39.37
N ILE D 219 5.86 1.83 40.05
CA ILE D 219 6.36 2.14 41.38
C ILE D 219 5.28 1.80 42.40
N LYS D 220 5.62 0.98 43.39
CA LYS D 220 4.62 0.53 44.35
C LYS D 220 4.16 1.67 45.26
N ARG D 221 2.84 1.80 45.42
CA ARG D 221 2.23 2.74 46.34
C ARG D 221 1.23 2.00 47.22
N GLU D 222 0.81 2.66 48.30
CA GLU D 222 -0.18 2.05 49.16
C GLU D 222 -1.54 1.96 48.47
N ASP D 223 -1.82 2.87 47.53
CA ASP D 223 -3.10 2.84 46.82
C ASP D 223 -3.03 2.11 45.47
N GLY D 224 -1.89 1.51 45.14
CA GLY D 224 -1.77 0.80 43.88
C GLY D 224 -0.36 0.93 43.32
N TRP D 225 -0.20 0.49 42.08
CA TRP D 225 1.07 0.61 41.36
C TRP D 225 0.99 1.81 40.44
N LEU D 226 1.90 2.76 40.63
CA LEU D 226 1.99 3.91 39.73
C LEU D 226 2.51 3.45 38.37
N LEU D 227 1.73 3.69 37.33
CA LEU D 227 2.08 3.28 35.97
C LEU D 227 2.29 4.53 35.13
N ILE D 228 3.52 4.98 35.06
CA ILE D 228 3.87 6.03 34.11
C ILE D 228 4.00 5.38 32.74
N TYR D 229 3.45 6.02 31.72
CA TYR D 229 3.51 5.47 30.38
C TYR D 229 3.74 6.60 29.39
N HIS D 230 4.12 6.23 28.18
CA HIS D 230 4.19 7.19 27.10
C HIS D 230 3.04 6.92 26.14
N GLY D 231 2.45 8.00 25.64
CA GLY D 231 1.45 7.92 24.61
C GLY D 231 1.93 8.66 23.37
N VAL D 232 1.51 8.18 22.22
CA VAL D 232 1.94 8.75 20.94
C VAL D 232 0.71 9.30 20.25
N ASP D 233 0.82 10.51 19.70
CA ASP D 233 -0.35 11.05 19.02
C ASP D 233 -0.24 10.73 17.52
N ASN D 234 -1.23 11.20 16.77
CA ASN D 234 -1.30 10.92 15.33
C ASN D 234 -0.11 11.49 14.57
N ASN D 235 0.65 12.40 15.17
CA ASN D 235 1.80 12.95 14.49
C ASN D 235 3.11 12.49 15.12
N ASN D 236 3.05 11.41 15.91
CA ASN D 236 4.20 10.74 16.52
C ASN D 236 4.84 11.54 17.62
N VAL D 237 4.13 12.51 18.17
CA VAL D 237 4.59 13.15 19.40
C VAL D 237 4.53 12.16 20.55
N TYR D 238 5.64 12.01 21.27
CA TYR D 238 5.70 11.17 22.45
C TYR D 238 5.58 12.04 23.68
N ARG D 239 4.58 11.75 24.52
CA ARG D 239 4.36 12.42 25.79
C ARG D 239 4.16 11.36 26.87
N LEU D 240 4.28 11.77 28.12
CA LEU D 240 4.15 10.85 29.25
C LEU D 240 2.78 11.02 29.89
N GLY D 241 2.16 9.90 30.29
CA GLY D 241 0.94 9.91 31.06
C GLY D 241 1.09 9.04 32.29
N VAL D 242 0.03 8.98 33.07
CA VAL D 242 0.09 8.26 34.34
C VAL D 242 -1.21 7.51 34.57
N ALA D 243 -1.08 6.26 34.98
CA ALA D 243 -2.21 5.45 35.39
C ALA D 243 -1.83 4.78 36.71
N LEU D 244 -2.84 4.21 37.37
CA LEU D 244 -2.67 3.54 38.64
C LEU D 244 -3.24 2.14 38.51
N LEU D 245 -2.47 1.14 38.93
CA LEU D 245 -2.89 -0.26 38.86
C LEU D 245 -3.33 -0.74 40.22
N ASP D 246 -4.34 -1.61 40.24
CA ASP D 246 -4.76 -2.23 41.49
C ASP D 246 -3.55 -2.87 42.17
N LEU D 247 -3.45 -2.69 43.49
CA LEU D 247 -2.25 -3.12 44.19
C LEU D 247 -2.09 -4.65 44.15
N LYS D 248 -3.18 -5.39 44.32
CA LYS D 248 -3.08 -6.84 44.39
C LYS D 248 -3.24 -7.50 43.03
N ASP D 249 -3.89 -6.84 42.08
CA ASP D 249 -4.01 -7.33 40.71
C ASP D 249 -3.55 -6.24 39.74
N PRO D 250 -2.23 -6.15 39.48
CA PRO D 250 -1.72 -5.12 38.57
C PRO D 250 -2.20 -5.22 37.12
N SER D 251 -3.00 -6.22 36.78
CA SER D 251 -3.62 -6.23 35.46
C SER D 251 -4.80 -5.27 35.35
N LYS D 252 -5.34 -4.80 36.47
CA LYS D 252 -6.49 -3.92 36.47
C LYS D 252 -6.04 -2.47 36.62
N VAL D 253 -6.37 -1.64 35.64
CA VAL D 253 -6.16 -0.19 35.76
C VAL D 253 -7.31 0.38 36.58
N ILE D 254 -6.99 0.97 37.73
CA ILE D 254 -8.03 1.56 38.57
C ILE D 254 -8.14 3.08 38.38
N ALA D 255 -7.11 3.74 37.86
CA ALA D 255 -7.20 5.15 37.52
C ALA D 255 -6.25 5.45 36.36
N ARG D 256 -6.60 6.48 35.60
CA ARG D 256 -5.77 6.92 34.49
C ARG D 256 -6.02 8.41 34.27
N GLN D 257 -4.97 9.22 34.31
CA GLN D 257 -5.15 10.65 34.12
C GLN D 257 -5.44 10.95 32.66
N LYS D 258 -6.40 11.83 32.42
CA LYS D 258 -6.75 12.21 31.07
C LYS D 258 -5.60 12.94 30.38
N GLU D 259 -4.97 13.83 31.07
CA GLU D 259 -3.97 14.71 30.47
C GLU D 259 -2.57 14.18 30.75
N PRO D 260 -1.60 14.49 29.87
CA PRO D 260 -0.23 14.04 30.11
C PRO D 260 0.38 14.70 31.35
N ILE D 261 1.43 14.06 31.87
CA ILE D 261 2.21 14.64 32.96
C ILE D 261 3.50 15.28 32.47
N LEU D 262 3.85 15.08 31.20
CA LEU D 262 5.06 15.64 30.63
C LEU D 262 4.89 15.58 29.12
N GLU D 263 5.18 16.68 28.45
CA GLU D 263 5.15 16.75 27.00
C GLU D 263 6.29 17.65 26.55
N PRO D 264 6.71 17.53 25.30
CA PRO D 264 7.80 18.39 24.82
C PRO D 264 7.47 19.86 25.01
N GLU D 265 8.32 20.54 25.79
CA GLU D 265 8.15 21.98 26.01
C GLU D 265 9.45 22.69 25.76
N LEU D 266 10.56 22.17 26.30
CA LEU D 266 11.83 22.86 26.11
C LEU D 266 12.36 22.59 24.71
N ASP D 267 13.23 23.49 24.25
CA ASP D 267 13.67 23.41 22.86
C ASP D 267 14.42 22.11 22.59
N TRP D 268 15.15 21.60 23.56
CA TRP D 268 15.86 20.34 23.36
C TRP D 268 15.00 19.12 23.63
N GLU D 269 13.71 19.30 23.90
CA GLU D 269 12.72 18.24 23.82
C GLU D 269 11.93 18.30 22.53
N ILE D 270 11.70 19.51 22.03
CA ILE D 270 10.99 19.69 20.78
C ILE D 270 11.92 19.41 19.60
N ASN D 271 13.12 19.97 19.64
CA ASN D 271 14.11 19.83 18.58
C ASN D 271 15.16 18.81 18.99
N GLY D 272 15.64 18.06 18.02
CA GLY D 272 16.67 17.07 18.25
C GLY D 272 16.58 15.97 17.20
N LEU D 273 17.37 14.91 17.44
CA LEU D 273 17.45 13.82 16.47
C LEU D 273 16.08 13.26 16.12
N VAL D 274 15.18 13.13 17.10
CA VAL D 274 13.80 12.79 16.80
C VAL D 274 12.91 13.83 17.47
N PRO D 275 12.41 14.81 16.72
CA PRO D 275 11.68 15.92 17.35
C PRO D 275 10.49 15.46 18.16
N ASN D 276 10.13 16.26 19.16
CA ASN D 276 8.83 16.15 19.81
C ASN D 276 8.73 14.85 20.61
N VAL D 277 9.76 14.58 21.41
CA VAL D 277 9.82 13.33 22.16
C VAL D 277 10.26 13.63 23.58
N VAL D 278 9.45 13.23 24.56
CA VAL D 278 9.91 12.94 25.91
C VAL D 278 9.58 11.48 26.19
N PHE D 279 10.50 10.76 26.83
CA PHE D 279 10.38 9.32 26.92
C PHE D 279 11.14 8.83 28.14
N SER D 280 10.45 8.19 29.07
CA SER D 280 11.08 7.72 30.30
C SER D 280 11.16 6.20 30.30
N CYS D 281 12.33 5.69 30.66
CA CYS D 281 12.56 4.27 30.91
C CYS D 281 12.78 4.00 32.38
N GLY D 282 12.65 5.01 33.23
CA GLY D 282 13.12 4.88 34.59
C GLY D 282 12.59 5.98 35.49
N ALA D 283 12.20 5.61 36.70
CA ALA D 283 11.76 6.56 37.72
C ALA D 283 11.89 5.87 39.06
N VAL D 284 12.34 6.61 40.07
CA VAL D 284 12.52 6.07 41.41
C VAL D 284 11.94 7.03 42.44
N GLU D 285 11.47 6.47 43.55
CA GLU D 285 10.99 7.24 44.68
C GLU D 285 12.18 7.58 45.55
N VAL D 286 12.34 8.87 45.84
CA VAL D 286 13.45 9.37 46.64
C VAL D 286 12.94 10.52 47.47
N ASN D 287 13.12 10.44 48.80
CA ASN D 287 12.72 11.50 49.71
C ASN D 287 11.31 12.00 49.41
N ASP D 288 10.38 11.04 49.33
CA ASP D 288 8.97 11.31 49.08
C ASP D 288 8.76 12.14 47.81
N MET D 289 9.62 11.90 46.81
CA MET D 289 9.44 12.47 45.49
C MET D 289 9.72 11.40 44.45
N TYR D 290 9.00 11.47 43.34
CA TYR D 290 9.29 10.61 42.20
C TYR D 290 10.22 11.36 41.25
N TYR D 291 11.38 10.77 40.99
CA TYR D 291 12.36 11.33 40.06
C TYR D 291 12.20 10.59 38.73
N VAL D 292 11.72 11.30 37.71
CA VAL D 292 11.42 10.71 36.41
C VAL D 292 12.50 11.17 35.43
N TYR D 293 13.39 10.25 35.04
CA TYR D 293 14.39 10.52 34.03
C TYR D 293 13.81 10.26 32.65
N TYR D 294 14.08 11.17 31.72
CA TYR D 294 13.49 11.01 30.40
C TYR D 294 14.48 11.36 29.31
N GLY D 295 14.43 10.59 28.23
CA GLY D 295 15.03 11.03 26.99
C GLY D 295 14.25 12.19 26.40
N ALA D 296 14.96 13.06 25.69
CA ALA D 296 14.37 14.25 25.07
C ALA D 296 14.83 14.30 23.63
N ALA D 297 13.87 14.30 22.71
CA ALA D 297 14.17 14.30 21.28
C ALA D 297 15.11 13.17 20.90
N ASP D 298 15.08 12.09 21.69
CA ASP D 298 16.01 10.97 21.55
C ASP D 298 17.46 11.46 21.49
N THR D 299 17.75 12.58 22.15
CA THR D 299 19.08 13.17 22.06
C THR D 299 19.71 13.42 23.41
N HIS D 300 18.96 13.95 24.38
CA HIS D 300 19.47 14.29 25.69
C HIS D 300 18.67 13.57 26.77
N ILE D 301 19.15 13.68 28.00
CA ILE D 301 18.43 13.21 29.17
C ILE D 301 18.11 14.41 30.06
N GLY D 302 16.85 14.48 30.50
CA GLY D 302 16.43 15.41 31.51
C GLY D 302 15.77 14.68 32.67
N VAL D 303 15.37 15.46 33.68
CA VAL D 303 14.74 14.83 34.84
C VAL D 303 13.70 15.79 35.41
N ALA D 304 12.50 15.27 35.60
CA ALA D 304 11.41 16.00 36.21
C ALA D 304 10.91 15.21 37.41
N VAL D 305 10.18 15.89 38.30
CA VAL D 305 9.76 15.30 39.56
C VAL D 305 8.32 15.68 39.84
N ILE D 306 7.73 14.92 40.77
CA ILE D 306 6.51 15.32 41.46
C ILE D 306 6.60 14.80 42.89
N GLU D 307 6.17 15.62 43.86
CA GLU D 307 5.99 15.14 45.22
C GLU D 307 4.91 14.07 45.21
N LYS D 308 5.19 12.92 45.82
CA LYS D 308 4.24 11.83 45.75
C LYS D 308 2.93 12.16 46.43
N GLU D 309 2.92 13.13 47.34
CA GLU D 309 1.67 13.62 47.91
C GLU D 309 0.75 14.18 46.82
N LYS D 310 1.33 14.75 45.76
CA LYS D 310 0.54 15.38 44.71
C LYS D 310 -0.05 14.39 43.71
N VAL D 311 0.33 13.12 43.76
CA VAL D 311 -0.21 12.14 42.83
C VAL D 311 -1.61 11.74 43.27
N LYS D 312 -2.62 12.42 42.73
CA LYS D 312 -4.01 12.16 43.04
C LYS D 312 -4.77 11.94 41.75
N PHE D 313 -5.77 11.06 41.79
CA PHE D 313 -6.51 10.74 40.60
C PHE D 313 -7.98 11.16 40.71
O6 M1P E . -9.87 -12.40 13.98
C6 M1P E . -10.72 -11.39 13.43
C5 M1P E . -11.17 -11.92 12.08
O5 M1P E . -10.02 -12.46 11.44
C1 M1P E . -10.28 -12.88 10.08
O1 M1P E . -10.84 -11.75 9.41
P M1P E . -10.63 -11.36 7.85
O1P M1P E . -9.81 -10.08 7.91
O2P M1P E . -12.07 -11.12 7.38
O3P M1P E . -9.88 -12.54 7.27
C2 M1P E . -11.27 -14.04 10.10
O2 M1P E . -10.58 -15.23 10.55
C3 M1P E . -12.49 -13.72 10.98
O3 M1P E . -13.15 -14.94 11.33
C4 M1P E . -12.13 -13.06 12.31
O4 M1P E . -13.28 -12.55 12.98
O1 PG4 F . -29.70 -28.44 15.51
C1 PG4 F . -30.62 -27.32 15.52
C2 PG4 F . -32.09 -27.76 15.46
O2 PG4 F . -32.92 -26.61 15.22
C3 PG4 F . -32.67 -26.14 13.90
C4 PG4 F . -33.96 -25.65 13.27
O3 PG4 F . -33.68 -24.96 12.04
C5 PG4 F . -33.90 -23.55 12.22
C6 PG4 F . -34.89 -23.04 11.20
O4 PG4 F . -35.79 -22.13 11.85
C7 PG4 F . -37.12 -22.24 11.34
C8 PG4 F . -37.85 -20.91 11.26
O5 PG4 F . -39.12 -21.13 10.63
ZN ZN G . -12.57 -9.40 6.36
ZN ZN H . -17.32 -25.48 0.27
ZN ZN I . -11.26 7.43 14.56
ZN ZN J . -26.52 -30.07 24.55
O6 M1P K . 0.32 -1.47 -3.59
C6 M1P K . -0.97 -0.82 -3.51
C5 M1P K . -1.63 -0.77 -4.90
O5 M1P K . -2.34 -1.99 -5.16
C1 M1P K . -3.46 -1.79 -6.06
O1 M1P K . -4.02 -3.02 -6.52
P M1P K . -4.51 -4.16 -5.49
O1P M1P K . -3.38 -4.33 -4.47
O2P M1P K . -5.80 -3.70 -4.87
O3P M1P K . -4.63 -5.32 -6.46
C2 M1P K . -2.97 -0.90 -7.20
O2 M1P K . -3.84 -0.89 -8.35
C3 M1P K . -2.80 0.50 -6.62
O3 M1P K . -3.93 1.28 -6.98
C4 M1P K . -2.64 0.37 -5.10
O4 M1P K . -2.30 1.60 -4.42
O1 PG4 L . 0.11 19.39 -31.78
C1 PG4 L . -0.90 19.08 -30.79
C2 PG4 L . -1.61 20.33 -30.27
O2 PG4 L . -1.17 20.63 -28.93
C3 PG4 L . -2.05 21.50 -28.22
C4 PG4 L . -1.24 22.55 -27.47
O3 PG4 L . -1.34 23.78 -28.18
C5 PG4 L . -0.64 24.85 -27.55
C6 PG4 L . -0.55 26.07 -28.48
O4 PG4 L . 0.21 25.74 -29.66
C7 PG4 L . 1.33 26.60 -29.93
C8 PG4 L . 2.20 25.94 -30.98
O5 PG4 L . 3.58 26.29 -30.82
O6 M1P M . 11.60 10.61 -13.64
C6 M1P M . 10.42 11.19 -13.10
C5 M1P M . 10.87 11.77 -11.79
O5 M1P M . 11.53 10.73 -11.05
C1 M1P M . 11.80 11.15 -9.71
O1 M1P M . 10.57 11.71 -9.19
P M1P M . 10.16 11.53 -7.64
O1P M1P M . 11.39 10.83 -7.07
O2P M1P M . 8.90 10.68 -7.58
O3P M1P M . 9.89 12.98 -7.22
C2 M1P M . 12.88 12.24 -9.78
O2 M1P M . 14.13 11.70 -10.27
C3 M1P M . 12.41 13.39 -10.69
O3 M1P M . 13.50 14.29 -10.90
C4 M1P M . 11.87 12.88 -12.04
O4 M1P M . 11.22 13.91 -12.79
ZN ZN N . 1.61 7.11 4.17
ZN ZN O . 27.51 27.60 -25.79
ZN ZN P . 23.74 19.56 -0.22
ZN ZN Q . -6.92 -2.32 -3.89
ZN ZN R . 8.11 13.25 -6.19
O6 M1P S . -6.94 -12.19 -18.94
C6 M1P S . -6.76 -11.27 -20.02
C5 M1P S . -5.28 -11.21 -20.34
O5 M1P S . -4.53 -10.80 -19.18
C1 M1P S . -3.15 -10.57 -19.45
O1 M1P S . -3.09 -9.62 -20.52
P M1P S . -1.98 -8.46 -20.58
O1P M1P S . -1.61 -8.53 -22.06
O2P M1P S . -0.92 -8.94 -19.59
O3P M1P S . -2.69 -7.19 -20.13
C2 M1P S . -2.51 -11.86 -19.95
O2 M1P S . -2.43 -12.78 -18.86
C3 M1P S . -3.31 -12.45 -21.14
O3 M1P S . -2.80 -13.74 -21.49
C4 M1P S . -4.80 -12.57 -20.82
O4 M1P S . -5.57 -12.91 -21.99
ZN ZN T . -1.68 -6.70 -23.09
ZN ZN U . 11.94 -18.10 -23.26
ZN ZN V . -9.51 10.02 -13.63
ZN ZN W . -6.94 -37.62 -26.89
ZN ZN X . -23.34 -6.02 -24.63
O6 M1P Y . 11.52 8.27 18.81
C6 M1P Y . 10.73 8.25 19.99
C5 M1P Y . 10.68 6.80 20.39
O5 M1P Y . 10.41 6.07 19.19
C1 M1P Y . 10.35 4.66 19.39
O1 M1P Y . 9.37 4.42 20.38
P M1P Y . 8.46 3.10 20.32
O1P M1P Y . 9.29 2.11 19.52
O2P M1P Y . 7.23 3.51 19.53
O3P M1P Y . 8.26 2.86 21.82
C2 M1P Y . 11.64 4.09 19.95
O2 M1P Y . 12.63 4.02 18.91
C3 M1P Y . 12.09 4.90 21.19
O3 M1P Y . 13.39 4.45 21.62
C4 M1P Y . 12.04 6.41 20.94
O4 M1P Y . 12.25 7.19 22.13
OH2 1PE Z . 27.39 0.24 40.14
C12 1PE Z . 28.04 -0.61 39.20
C22 1PE Z . 28.20 0.10 37.85
OH3 1PE Z . 29.60 0.26 37.56
C13 1PE Z . 30.94 1.59 35.96
C23 1PE Z . 29.82 0.57 36.17
OH4 1PE Z . 31.82 1.06 34.96
C14 1PE Z . 32.82 1.17 32.80
C24 1PE Z . 31.91 1.88 33.80
OH5 1PE Z . 32.08 0.24 32.04
C15 1PE Z . 32.55 -2.07 32.34
C25 1PE Z . 32.89 -0.82 31.53
OH6 1PE Z . 32.38 -3.23 31.51
C16 1PE Z . 32.15 -4.98 33.20
C26 1PE Z . 33.03 -4.36 32.11
OH7 1PE Z . 32.48 -4.48 34.51
C1 GOL AA . 2.78 -12.63 18.72
O1 GOL AA . 3.33 -13.88 19.16
C2 GOL AA . 1.37 -12.45 19.26
O2 GOL AA . 0.90 -11.13 18.93
C3 GOL AA . 0.41 -13.51 18.68
O3 GOL AA . -0.08 -14.37 19.72
ZN ZN BA . 36.80 10.07 27.53
ZN ZN CA . 6.54 2.68 23.10
ZN ZN DA . 19.09 -9.80 22.64
#